data_4QU2
#
_entry.id   4QU2
#
_cell.length_a   53.535
_cell.length_b   59.516
_cell.length_c   199.583
_cell.angle_alpha   90.00
_cell.angle_beta   90.00
_cell.angle_gamma   90.00
#
_symmetry.space_group_name_H-M   'P 21 21 21'
#
loop_
_entity.id
_entity.type
_entity.pdbx_description
1 polymer 'JmjC domain-containing protein 7'
2 non-polymer 'NICKEL (II) ION'
3 non-polymer '2-OXOGLUTARIC ACID'
4 water water
#
_entity_poly.entity_id   1
_entity_poly.type   'polypeptide(L)'
_entity_poly.pdbx_seq_one_letter_code
;GSMAEAALEAVRRALQEFPAAARDLNVPRVVPYLDEPPSPLCFYRDWVCPNRPCIIRNALQHWPALQKWSLSYLRATVGS
TEVSVAVTPDGYADAVRGDRFVMPAERRLPISHVLDVLEGRAQHPGVLYVQKQCSNLPTELPQLLSDIESHVPWASESLG
KMPDAVNFWLGDASAVTSLHKDHYENLYCVVSGEKHFLLHPPSDRPFIPYNLYTPATYQLTEEGTFRVVDEEAMEKVPWI
PLDPLAPDLTQYPSYSQAQALHCTVRAGEMLYLPALWFHHVQQSHGCIAVNFWYDMEYDLKYSYFQLMDTLTRATGLD
;
_entity_poly.pdbx_strand_id   A,B
#
loop_
_chem_comp.id
_chem_comp.type
_chem_comp.name
_chem_comp.formula
AKG non-polymer '2-OXOGLUTARIC ACID' 'C5 H6 O5'
NI non-polymer 'NICKEL (II) ION' 'Ni 2'
#
# COMPACT_ATOMS: atom_id res chain seq x y z
N GLY A 1 -0.05 34.70 -13.02
N GLY A 1 -2.53 32.98 -14.12
CA GLY A 1 -1.32 33.98 -13.12
CA GLY A 1 -1.55 33.63 -13.26
C GLY A 1 -2.02 33.93 -11.78
C GLY A 1 -2.07 33.83 -11.85
N SER A 2 -3.28 34.38 -11.76
CA SER A 2 -4.02 34.44 -10.49
C SER A 2 -4.73 33.11 -10.27
N MET A 3 -4.99 32.39 -11.35
CA MET A 3 -5.65 31.09 -11.29
C MET A 3 -4.63 29.98 -11.06
N ALA A 4 -3.44 30.16 -11.62
CA ALA A 4 -2.33 29.25 -11.38
C ALA A 4 -1.95 29.31 -9.91
N GLU A 5 -2.17 30.48 -9.33
CA GLU A 5 -1.87 30.72 -7.92
C GLU A 5 -2.85 29.99 -7.00
N ALA A 6 -4.13 30.04 -7.36
CA ALA A 6 -5.17 29.41 -6.55
C ALA A 6 -5.16 27.89 -6.70
N ALA A 7 -4.69 27.40 -7.83
CA ALA A 7 -4.60 25.97 -8.07
C ALA A 7 -3.48 25.37 -7.22
N LEU A 8 -2.39 26.11 -7.09
CA LEU A 8 -1.25 25.68 -6.28
C LEU A 8 -1.68 25.55 -4.82
N GLU A 9 -2.52 26.48 -4.37
CA GLU A 9 -3.06 26.44 -3.02
C GLU A 9 -3.93 25.20 -2.81
N ALA A 10 -4.66 24.82 -3.86
CA ALA A 10 -5.50 23.63 -3.83
C ALA A 10 -4.64 22.37 -3.80
N VAL A 11 -3.46 22.44 -4.42
CA VAL A 11 -2.51 21.34 -4.41
C VAL A 11 -1.86 21.22 -3.04
N ARG A 12 -1.51 22.36 -2.45
CA ARG A 12 -0.91 22.39 -1.13
C ARG A 12 -1.90 21.99 -0.04
N ARG A 13 -3.15 22.44 -0.17
CA ARG A 13 -4.18 22.11 0.80
C ARG A 13 -4.42 20.60 0.86
N ALA A 14 -4.36 19.96 -0.30
CA ALA A 14 -4.48 18.51 -0.38
C ALA A 14 -3.30 17.83 0.33
N LEU A 15 -2.10 18.35 0.08
CA LEU A 15 -0.90 17.81 0.70
C LEU A 15 -0.84 18.04 2.20
N GLN A 16 -1.41 19.15 2.65
CA GLN A 16 -1.37 19.53 4.06
C GLN A 16 -2.47 18.84 4.88
N GLU A 17 -3.47 18.32 4.19
CA GLU A 17 -4.56 17.62 4.85
C GLU A 17 -4.38 16.11 4.75
N PHE A 18 -3.46 15.69 3.89
CA PHE A 18 -3.14 14.27 3.72
C PHE A 18 -2.62 13.57 5.00
N PRO A 19 -1.64 14.17 5.70
CA PRO A 19 -1.12 13.45 6.88
C PRO A 19 -2.16 13.25 7.98
N ALA A 20 -3.04 14.21 8.17
CA ALA A 20 -4.08 14.10 9.18
C ALA A 20 -5.16 13.11 8.73
N ALA A 21 -5.38 13.04 7.43
CA ALA A 21 -6.35 12.09 6.88
C ALA A 21 -5.79 10.68 6.90
N ALA A 22 -4.50 10.55 6.59
CA ALA A 22 -3.86 9.25 6.53
C ALA A 22 -3.70 8.64 7.91
N ARG A 23 -3.42 9.50 8.89
CA ARG A 23 -3.15 9.02 10.25
C ARG A 23 -4.44 8.77 11.03
N ASP A 24 -5.52 9.46 10.67
CA ASP A 24 -6.82 9.22 11.28
C ASP A 24 -7.32 7.85 10.83
N LEU A 25 -6.92 7.46 9.63
CA LEU A 25 -7.38 6.23 9.02
C LEU A 25 -6.47 5.06 9.36
N ASN A 26 -5.15 5.27 9.27
CA ASN A 26 -4.20 4.17 9.33
C ASN A 26 -3.36 4.10 10.62
N VAL A 27 -2.96 5.26 11.13
CA VAL A 27 -2.04 5.32 12.27
C VAL A 27 -2.75 5.37 13.61
N PRO A 28 -2.37 4.48 14.54
CA PRO A 28 -2.93 4.49 15.89
C PRO A 28 -2.28 5.56 16.77
N ARG A 29 -2.94 5.92 17.87
CA ARG A 29 -2.46 6.98 18.75
C ARG A 29 -1.21 6.53 19.50
N VAL A 30 -1.27 5.33 20.09
CA VAL A 30 -0.13 4.77 20.80
C VAL A 30 0.36 3.49 20.12
N VAL A 31 1.61 3.12 20.39
CA VAL A 31 2.15 1.88 19.87
C VAL A 31 1.60 0.70 20.67
N PRO A 32 0.82 -0.16 20.00
CA PRO A 32 0.14 -1.30 20.64
C PRO A 32 1.10 -2.46 20.91
N TYR A 33 0.72 -3.34 21.83
CA TYR A 33 1.56 -4.47 22.21
C TYR A 33 0.96 -5.82 21.80
N LEU A 34 1.82 -6.77 21.47
CA LEU A 34 1.42 -8.15 21.27
C LEU A 34 2.04 -8.99 22.38
N ASP A 35 1.22 -9.78 23.06
CA ASP A 35 1.71 -10.57 24.20
C ASP A 35 2.59 -11.74 23.78
N GLU A 36 2.49 -12.13 22.51
CA GLU A 36 3.30 -13.21 21.95
C GLU A 36 3.37 -13.05 20.43
N PRO A 37 4.37 -13.70 19.79
CA PRO A 37 4.50 -13.60 18.32
C PRO A 37 3.20 -13.85 17.58
N PRO A 38 2.89 -13.00 16.59
CA PRO A 38 1.70 -13.18 15.75
C PRO A 38 1.94 -14.31 14.74
N SER A 39 0.89 -14.80 14.12
CA SER A 39 1.05 -15.75 13.03
C SER A 39 1.53 -14.98 11.81
N PRO A 40 2.28 -15.65 10.91
CA PRO A 40 2.78 -15.02 9.67
C PRO A 40 1.68 -14.28 8.89
N LEU A 41 0.48 -14.85 8.84
CA LEU A 41 -0.64 -14.21 8.18
C LEU A 41 -1.13 -12.98 8.96
N CYS A 42 -1.34 -13.15 10.25
CA CYS A 42 -1.76 -12.04 11.11
C CYS A 42 -0.77 -10.90 11.06
N PHE A 43 0.52 -11.26 11.09
CA PHE A 43 1.58 -10.26 11.07
C PHE A 43 1.56 -9.44 9.78
N TYR A 44 1.22 -10.08 8.67
CA TYR A 44 1.22 -9.39 7.39
C TYR A 44 -0.04 -8.56 7.19
N ARG A 45 -1.19 -9.10 7.57
CA ARG A 45 -2.46 -8.41 7.38
C ARG A 45 -2.64 -7.26 8.37
N ASP A 46 -2.26 -7.49 9.62
CA ASP A 46 -2.52 -6.52 10.68
C ASP A 46 -1.47 -5.40 10.76
N TRP A 47 -0.24 -5.68 10.33
CA TRP A 47 0.86 -4.76 10.58
C TRP A 47 1.72 -4.38 9.37
N VAL A 48 2.24 -5.37 8.66
CA VAL A 48 3.14 -5.13 7.54
C VAL A 48 2.45 -4.40 6.39
N CYS A 49 1.36 -5.00 5.92
CA CYS A 49 0.56 -4.41 4.84
C CYS A 49 0.04 -3.00 5.16
N PRO A 50 -0.65 -2.81 6.30
CA PRO A 50 -1.15 -1.45 6.56
C PRO A 50 -0.08 -0.50 7.10
N ASN A 51 1.15 -0.97 7.18
CA ASN A 51 2.29 -0.13 7.59
C ASN A 51 2.16 0.38 9.02
N ARG A 52 1.81 -0.53 9.94
CA ARG A 52 1.61 -0.16 11.34
C ARG A 52 2.65 -0.79 12.27
N PRO A 53 3.19 0.00 13.20
CA PRO A 53 4.19 -0.49 14.15
C PRO A 53 3.55 -1.17 15.36
N CYS A 54 4.33 -2.04 16.02
CA CYS A 54 3.86 -2.72 17.23
C CYS A 54 5.04 -3.31 18.00
N ILE A 55 4.91 -3.36 19.32
CA ILE A 55 5.93 -3.99 20.16
C ILE A 55 5.49 -5.41 20.50
N ILE A 56 6.36 -6.37 20.20
CA ILE A 56 6.03 -7.78 20.41
C ILE A 56 6.78 -8.35 21.62
N ARG A 57 6.02 -8.79 22.62
CA ARG A 57 6.59 -9.34 23.85
C ARG A 57 6.73 -10.85 23.78
N ASN A 58 7.56 -11.40 24.65
CA ASN A 58 7.74 -12.85 24.78
C ASN A 58 8.11 -13.53 23.47
N ALA A 59 9.06 -12.95 22.75
CA ALA A 59 9.49 -13.48 21.45
C ALA A 59 11.00 -13.63 21.38
N LEU A 60 11.67 -13.48 22.52
CA LEU A 60 13.13 -13.49 22.56
C LEU A 60 13.71 -14.37 23.65
N GLN A 61 12.88 -15.21 24.27
CA GLN A 61 13.34 -16.01 25.40
C GLN A 61 13.97 -17.34 24.99
N HIS A 62 13.92 -17.66 23.70
CA HIS A 62 14.67 -18.81 23.18
C HIS A 62 16.09 -18.36 22.87
N TRP A 63 16.33 -17.06 22.98
CA TRP A 63 17.68 -16.49 22.90
C TRP A 63 18.33 -16.60 24.26
N PRO A 64 19.45 -17.32 24.35
CA PRO A 64 20.25 -17.33 25.58
C PRO A 64 20.73 -15.93 25.95
N ALA A 65 20.85 -15.05 24.96
CA ALA A 65 21.38 -13.71 25.14
C ALA A 65 20.69 -12.91 26.24
N LEU A 66 19.38 -13.12 26.40
CA LEU A 66 18.60 -12.40 27.41
C LEU A 66 19.08 -12.65 28.83
N GLN A 67 19.60 -13.85 29.07
CA GLN A 67 20.08 -14.22 30.39
C GLN A 67 21.59 -14.02 30.54
N LYS A 68 22.29 -13.99 29.41
CA LYS A 68 23.75 -14.02 29.43
C LYS A 68 24.42 -12.67 29.17
N TRP A 69 23.87 -11.91 28.23
CA TRP A 69 24.55 -10.71 27.75
C TRP A 69 24.62 -9.55 28.76
N SER A 70 25.64 -9.60 29.62
CA SER A 70 25.96 -8.48 30.47
C SER A 70 27.18 -7.77 29.86
N LEU A 71 27.48 -6.58 30.35
CA LEU A 71 28.67 -5.87 29.89
C LEU A 71 29.92 -6.68 30.23
N SER A 72 29.85 -7.41 31.35
CA SER A 72 30.94 -8.28 31.77
C SER A 72 31.07 -9.49 30.86
N TYR A 73 29.92 -9.94 30.35
CA TYR A 73 29.89 -11.10 29.48
C TYR A 73 30.58 -10.83 28.15
N LEU A 74 30.30 -9.68 27.55
CA LEU A 74 30.92 -9.30 26.29
C LEU A 74 32.44 -9.22 26.41
N ARG A 75 32.90 -8.73 27.56
CA ARG A 75 34.33 -8.66 27.84
C ARG A 75 34.93 -10.06 27.91
N ALA A 76 34.27 -10.95 28.67
CA ALA A 76 34.75 -12.31 28.86
C ALA A 76 34.64 -13.13 27.58
N THR A 77 33.67 -12.79 26.73
CA THR A 77 33.38 -13.56 25.53
C THR A 77 34.09 -13.03 24.28
N VAL A 78 33.89 -11.75 23.98
CA VAL A 78 34.40 -11.18 22.73
C VAL A 78 35.18 -9.88 22.95
N GLY A 79 35.77 -9.74 24.14
CA GLY A 79 36.50 -8.54 24.51
C GLY A 79 37.67 -8.19 23.59
N SER A 80 38.44 -9.21 23.20
CA SER A 80 39.63 -8.98 22.40
C SER A 80 39.31 -8.84 20.91
N THR A 81 38.06 -9.08 20.55
CA THR A 81 37.62 -8.93 19.17
C THR A 81 37.54 -7.45 18.80
N GLU A 82 38.10 -7.11 17.63
CA GLU A 82 38.08 -5.73 17.17
C GLU A 82 36.84 -5.44 16.32
N VAL A 83 36.10 -4.41 16.69
CA VAL A 83 34.88 -4.05 15.98
C VAL A 83 34.93 -2.60 15.47
N SER A 84 34.02 -2.28 14.55
CA SER A 84 33.92 -0.92 14.04
C SER A 84 33.12 -0.06 15.01
N VAL A 85 33.76 1.01 15.50
CA VAL A 85 33.14 1.90 16.46
C VAL A 85 33.00 3.31 15.88
N ALA A 86 31.82 3.89 16.06
CA ALA A 86 31.58 5.27 15.63
C ALA A 86 32.03 6.25 16.70
N VAL A 87 32.80 7.26 16.29
CA VAL A 87 33.27 8.28 17.22
C VAL A 87 32.79 9.65 16.78
N THR A 88 32.09 10.34 17.68
CA THR A 88 31.54 11.66 17.40
C THR A 88 31.74 12.57 18.60
N PRO A 89 31.97 13.87 18.36
CA PRO A 89 32.24 14.84 19.43
C PRO A 89 31.06 15.03 20.38
N ASP A 90 29.84 14.80 19.91
CA ASP A 90 28.65 15.10 20.71
C ASP A 90 27.70 13.91 20.86
N GLY A 91 27.95 12.85 20.09
CA GLY A 91 27.11 11.66 20.15
C GLY A 91 26.05 11.63 19.06
N TYR A 92 26.26 12.42 18.02
CA TYR A 92 25.32 12.46 16.90
C TYR A 92 25.99 12.09 15.58
N ALA A 93 26.07 10.79 15.33
CA ALA A 93 26.58 10.27 14.07
C ALA A 93 25.48 10.31 13.02
N ASP A 94 25.86 10.52 11.76
CA ASP A 94 24.92 10.63 10.66
C ASP A 94 23.85 11.67 10.94
N ALA A 95 24.28 12.93 11.04
CA ALA A 95 23.37 14.02 11.35
C ALA A 95 23.78 15.32 10.66
N VAL A 96 22.85 16.25 10.58
CA VAL A 96 23.11 17.55 9.97
C VAL A 96 23.78 18.49 10.96
N ARG A 97 25.00 18.90 10.66
CA ARG A 97 25.71 19.89 11.47
C ARG A 97 26.13 21.06 10.60
N GLY A 98 25.54 22.22 10.85
CA GLY A 98 25.74 23.37 9.99
C GLY A 98 25.18 23.11 8.60
N ASP A 99 26.00 23.36 7.57
CA ASP A 99 25.60 23.10 6.19
C ASP A 99 26.24 21.82 5.65
N ARG A 100 26.46 20.86 6.54
CA ARG A 100 27.04 19.58 6.16
C ARG A 100 26.24 18.42 6.73
N PHE A 101 26.21 17.31 6.00
CA PHE A 101 25.77 16.04 6.58
C PHE A 101 27.03 15.33 7.04
N VAL A 102 27.12 15.05 8.33
CA VAL A 102 28.37 14.54 8.90
C VAL A 102 28.27 13.07 9.30
N MET A 103 29.16 12.26 8.73
CA MET A 103 29.28 10.85 9.06
C MET A 103 30.33 10.65 10.16
N PRO A 104 30.12 9.64 11.02
CA PRO A 104 31.00 9.45 12.18
C PRO A 104 32.42 9.04 11.81
N ALA A 105 33.36 9.28 12.71
CA ALA A 105 34.71 8.77 12.55
C ALA A 105 34.70 7.29 12.89
N GLU A 106 35.16 6.46 11.97
CA GLU A 106 35.15 5.02 12.19
C GLU A 106 36.44 4.53 12.86
N ARG A 107 36.30 3.55 13.75
CA ARG A 107 37.44 3.05 14.52
C ARG A 107 37.43 1.53 14.72
N ARG A 108 38.61 0.93 14.54
CA ARG A 108 38.77 -0.49 14.84
C ARG A 108 39.29 -0.64 16.26
N LEU A 109 38.37 -0.79 17.20
CA LEU A 109 38.72 -0.96 18.61
C LEU A 109 38.28 -2.32 19.11
N PRO A 110 39.03 -2.88 20.07
CA PRO A 110 38.58 -4.09 20.75
C PRO A 110 37.31 -3.78 21.55
N ILE A 111 36.43 -4.76 21.69
CA ILE A 111 35.21 -4.61 22.48
C ILE A 111 35.54 -4.19 23.92
N SER A 112 36.60 -4.79 24.46
CA SER A 112 37.02 -4.51 25.83
C SER A 112 37.35 -3.02 26.07
N HIS A 113 37.89 -2.35 25.05
CA HIS A 113 38.18 -0.94 25.18
C HIS A 113 36.90 -0.12 25.17
N VAL A 114 35.96 -0.52 24.32
CA VAL A 114 34.65 0.12 24.24
C VAL A 114 33.93 0.00 25.58
N LEU A 115 34.02 -1.19 26.18
CA LEU A 115 33.40 -1.43 27.47
C LEU A 115 34.04 -0.58 28.57
N ASP A 116 35.36 -0.46 28.52
CA ASP A 116 36.10 0.38 29.46
C ASP A 116 35.59 1.83 29.44
N VAL A 117 35.42 2.37 28.26
CA VAL A 117 34.94 3.75 28.09
C VAL A 117 33.55 3.93 28.71
N LEU A 118 32.72 2.90 28.59
CA LEU A 118 31.36 2.95 29.12
C LEU A 118 31.33 2.73 30.63
N GLU A 119 32.27 1.93 31.12
CA GLU A 119 32.28 1.55 32.54
C GLU A 119 32.98 2.58 33.42
N GLY A 120 33.83 3.40 32.81
CA GLY A 120 34.54 4.43 33.56
C GLY A 120 36.00 4.12 33.80
N ARG A 121 36.40 2.88 33.51
CA ARG A 121 37.79 2.46 33.68
C ARG A 121 38.73 3.17 32.71
N ALA A 122 38.17 3.74 31.65
CA ALA A 122 38.96 4.48 30.67
C ALA A 122 38.15 5.65 30.13
N GLN A 123 38.85 6.61 29.54
CA GLN A 123 38.22 7.80 28.98
C GLN A 123 38.53 7.91 27.50
N HIS A 124 37.68 8.64 26.76
CA HIS A 124 37.85 8.77 25.32
C HIS A 124 37.28 10.11 24.86
N PRO A 125 37.96 10.77 23.92
CA PRO A 125 37.44 12.02 23.36
C PRO A 125 36.17 11.76 22.56
N GLY A 126 35.18 12.63 22.71
CA GLY A 126 33.91 12.43 22.03
C GLY A 126 33.10 11.31 22.64
N VAL A 127 32.15 10.78 21.86
CA VAL A 127 31.27 9.72 22.33
C VAL A 127 31.40 8.49 21.43
N LEU A 128 31.25 7.30 22.02
CA LEU A 128 31.36 6.06 21.26
C LEU A 128 30.00 5.40 21.03
N TYR A 129 29.91 4.64 19.95
CA TYR A 129 28.70 3.89 19.62
C TYR A 129 29.04 2.80 18.61
N VAL A 130 28.93 1.55 19.05
CA VAL A 130 29.02 0.43 18.13
C VAL A 130 27.73 0.40 17.33
N GLN A 131 27.78 0.94 16.11
CA GLN A 131 26.57 1.19 15.35
C GLN A 131 26.75 1.03 13.85
N LYS A 132 27.84 0.37 13.45
CA LYS A 132 28.03 0.01 12.06
C LYS A 132 26.87 -0.88 11.68
N GLN A 133 25.97 -0.40 10.83
CA GLN A 133 24.86 -1.24 10.42
C GLN A 133 25.65 -1.65 9.18
N CYS A 134 24.96 -2.24 8.20
CA CYS A 134 25.32 -3.21 7.15
C CYS A 134 25.79 -4.60 7.61
N SER A 135 25.02 -5.19 8.54
CA SER A 135 25.22 -6.56 9.02
C SER A 135 26.53 -6.78 9.79
N ASN A 136 26.77 -5.99 10.84
CA ASN A 136 28.01 -6.09 11.60
C ASN A 136 28.10 -7.30 12.53
N LEU A 137 26.96 -7.84 12.95
CA LEU A 137 26.96 -8.95 13.92
C LEU A 137 27.55 -10.24 13.34
N PRO A 138 27.05 -10.74 12.20
CA PRO A 138 27.68 -11.96 11.69
C PRO A 138 29.08 -11.70 11.15
N THR A 139 29.34 -10.44 10.80
CA THR A 139 30.60 -10.07 10.15
C THR A 139 31.73 -9.80 11.14
N GLU A 140 31.41 -9.15 12.27
CA GLU A 140 32.43 -8.73 13.22
C GLU A 140 32.34 -9.46 14.56
N LEU A 141 31.14 -9.88 14.93
CA LEU A 141 30.94 -10.60 16.19
C LEU A 141 30.20 -11.93 16.01
N PRO A 142 30.73 -12.83 15.18
CA PRO A 142 29.99 -14.05 14.85
C PRO A 142 29.87 -15.02 16.03
N GLN A 143 30.69 -14.83 17.06
CA GLN A 143 30.65 -15.70 18.23
C GLN A 143 29.36 -15.51 19.02
N LEU A 144 28.71 -14.37 18.80
CA LEU A 144 27.47 -14.04 19.51
C LEU A 144 26.25 -14.68 18.85
N LEU A 145 26.44 -15.25 17.67
CA LEU A 145 25.35 -15.89 16.93
C LEU A 145 24.76 -17.08 17.68
N SER A 146 25.58 -17.72 18.51
CA SER A 146 25.16 -18.89 19.26
C SER A 146 24.30 -18.54 20.47
N ASP A 147 24.08 -17.25 20.69
CA ASP A 147 23.24 -16.79 21.79
C ASP A 147 21.94 -16.19 21.26
N ILE A 148 21.82 -16.11 19.94
CA ILE A 148 20.61 -15.57 19.31
C ILE A 148 20.18 -16.44 18.13
N GLU A 149 19.21 -15.95 17.37
CA GLU A 149 18.83 -16.60 16.11
C GLU A 149 19.31 -15.74 14.95
N SER A 150 19.60 -16.39 13.82
CA SER A 150 20.08 -15.68 12.64
C SER A 150 18.95 -14.96 11.92
N HIS A 151 17.71 -15.25 12.34
CA HIS A 151 16.53 -14.58 11.79
C HIS A 151 15.33 -14.72 12.71
N VAL A 152 14.26 -13.98 12.40
CA VAL A 152 12.99 -14.15 13.10
C VAL A 152 12.07 -14.98 12.21
N PRO A 153 11.95 -16.28 12.54
CA PRO A 153 11.28 -17.30 11.73
C PRO A 153 9.89 -16.92 11.22
N TRP A 154 8.97 -16.63 12.13
CA TRP A 154 7.60 -16.30 11.75
C TRP A 154 7.50 -15.07 10.85
N ALA A 155 8.43 -14.14 11.01
CA ALA A 155 8.46 -12.93 10.18
C ALA A 155 9.11 -13.21 8.84
N SER A 156 10.10 -14.11 8.84
CA SER A 156 10.76 -14.52 7.61
C SER A 156 9.81 -15.29 6.70
N GLU A 157 8.87 -16.00 7.32
CA GLU A 157 7.83 -16.71 6.58
C GLU A 157 6.79 -15.70 6.11
N SER A 158 6.48 -14.73 6.96
CA SER A 158 5.47 -13.72 6.67
C SER A 158 5.92 -12.83 5.51
N LEU A 159 7.12 -12.28 5.63
CA LEU A 159 7.66 -11.40 4.59
C LEU A 159 8.11 -12.20 3.38
N GLY A 160 8.28 -13.51 3.57
CA GLY A 160 8.66 -14.40 2.47
C GLY A 160 10.11 -14.29 2.06
N LYS A 161 10.98 -13.95 3.02
CA LYS A 161 12.39 -13.78 2.72
C LYS A 161 13.25 -13.84 3.97
N MET A 162 14.57 -13.91 3.79
CA MET A 162 15.52 -13.91 4.89
C MET A 162 16.06 -12.50 5.08
N PRO A 163 16.50 -12.16 6.31
CA PRO A 163 17.02 -10.82 6.59
C PRO A 163 18.23 -10.46 5.72
N ASP A 164 18.25 -9.24 5.20
CA ASP A 164 19.40 -8.74 4.47
C ASP A 164 20.56 -8.43 5.43
N ALA A 165 20.23 -8.22 6.70
CA ALA A 165 21.24 -7.86 7.69
C ALA A 165 20.80 -8.15 9.12
N VAL A 166 21.77 -8.56 9.94
CA VAL A 166 21.57 -8.68 11.38
C VAL A 166 22.59 -7.76 12.05
N ASN A 167 22.09 -6.72 12.71
CA ASN A 167 22.98 -5.70 13.26
C ASN A 167 23.16 -5.75 14.76
N PHE A 168 24.34 -5.32 15.21
CA PHE A 168 24.65 -5.25 16.63
C PHE A 168 24.71 -3.81 17.09
N TRP A 169 24.07 -3.52 18.21
CA TRP A 169 24.00 -2.16 18.74
C TRP A 169 24.44 -2.10 20.20
N LEU A 170 25.46 -1.28 20.47
CA LEU A 170 25.98 -1.11 21.82
C LEU A 170 26.49 0.31 21.97
N GLY A 171 25.82 1.12 22.77
CA GLY A 171 26.13 2.54 22.82
C GLY A 171 26.11 3.25 24.15
N ASP A 172 26.79 4.39 24.17
CA ASP A 172 26.76 5.32 25.29
C ASP A 172 25.36 5.93 25.36
N ALA A 173 24.96 6.39 26.55
CA ALA A 173 23.66 7.04 26.70
C ALA A 173 23.62 8.35 25.93
N SER A 174 24.79 8.90 25.62
CA SER A 174 24.90 10.15 24.89
C SER A 174 24.91 9.94 23.37
N ALA A 175 24.89 8.68 22.96
CA ALA A 175 24.87 8.35 21.52
C ALA A 175 23.44 8.31 21.00
N VAL A 176 23.10 9.27 20.13
CA VAL A 176 21.73 9.40 19.64
C VAL A 176 21.62 9.33 18.11
N THR A 177 20.71 8.49 17.63
CA THR A 177 20.47 8.38 16.19
C THR A 177 19.36 9.34 15.75
N SER A 178 19.72 10.29 14.89
CA SER A 178 18.79 11.35 14.50
C SER A 178 17.76 10.88 13.47
N LEU A 179 16.71 11.68 13.28
CA LEU A 179 15.59 11.34 12.41
C LEU A 179 16.00 10.91 11.00
N HIS A 180 15.51 9.75 10.60
CA HIS A 180 15.75 9.22 9.26
C HIS A 180 14.80 8.06 8.97
N LYS A 181 14.90 7.51 7.77
CA LYS A 181 14.11 6.35 7.36
C LYS A 181 14.97 5.38 6.54
N ASP A 182 14.62 4.10 6.59
CA ASP A 182 15.24 3.10 5.73
C ASP A 182 14.21 2.36 4.90
N HIS A 183 14.67 1.68 3.85
CA HIS A 183 13.80 0.86 3.00
C HIS A 183 13.77 -0.57 3.51
N TYR A 184 13.68 -0.74 4.83
CA TYR A 184 13.65 -2.08 5.43
C TYR A 184 12.46 -2.26 6.38
N GLU A 185 11.93 -3.47 6.41
CA GLU A 185 11.04 -3.87 7.50
C GLU A 185 11.95 -4.27 8.66
N ASN A 186 11.85 -3.55 9.77
CA ASN A 186 12.80 -3.70 10.86
C ASN A 186 12.19 -4.33 12.11
N LEU A 187 12.76 -5.46 12.53
CA LEU A 187 12.42 -6.06 13.82
C LEU A 187 13.52 -5.77 14.82
N TYR A 188 13.23 -4.86 15.75
CA TYR A 188 14.24 -4.37 16.68
C TYR A 188 14.16 -5.05 18.04
N CYS A 189 15.21 -5.80 18.38
CA CYS A 189 15.26 -6.52 19.64
C CYS A 189 16.34 -5.96 20.55
N VAL A 190 15.97 -5.64 21.78
CA VAL A 190 16.96 -5.20 22.77
C VAL A 190 17.14 -6.28 23.83
N VAL A 191 18.41 -6.56 24.14
CA VAL A 191 18.77 -7.65 25.03
C VAL A 191 19.05 -7.15 26.44
N SER A 192 19.60 -5.95 26.53
CA SER A 192 19.91 -5.32 27.81
C SER A 192 19.81 -3.80 27.69
N GLY A 193 19.34 -3.17 28.76
CA GLY A 193 19.09 -1.74 28.73
C GLY A 193 17.73 -1.46 28.12
N GLU A 194 17.58 -0.27 27.53
CA GLU A 194 16.32 0.08 26.88
C GLU A 194 16.48 1.17 25.81
N LYS A 195 15.75 1.02 24.71
CA LYS A 195 15.80 1.96 23.61
C LYS A 195 14.56 2.85 23.61
N HIS A 196 14.75 4.15 23.39
CA HIS A 196 13.63 5.08 23.33
C HIS A 196 13.41 5.56 21.91
N PHE A 197 12.25 5.25 21.34
CA PHE A 197 11.96 5.57 19.94
C PHE A 197 10.98 6.73 19.77
N LEU A 198 11.36 7.68 18.91
CA LEU A 198 10.43 8.71 18.46
C LEU A 198 10.09 8.39 17.01
N LEU A 199 8.83 8.01 16.78
CA LEU A 199 8.42 7.54 15.47
C LEU A 199 7.52 8.52 14.73
N HIS A 200 7.59 8.49 13.40
CA HIS A 200 6.69 9.23 12.54
C HIS A 200 6.30 8.34 11.38
N PRO A 201 4.99 8.26 11.08
CA PRO A 201 4.55 7.52 9.88
C PRO A 201 5.05 8.23 8.63
N PRO A 202 5.28 7.48 7.54
CA PRO A 202 5.80 8.07 6.29
C PRO A 202 4.85 9.13 5.72
N SER A 203 3.58 9.06 6.10
CA SER A 203 2.58 10.00 5.63
C SER A 203 2.76 11.39 6.23
N ASP A 204 3.60 11.50 7.26
CA ASP A 204 3.91 12.78 7.88
C ASP A 204 4.97 13.56 7.09
N ARG A 205 5.43 12.99 5.99
CA ARG A 205 6.45 13.60 5.12
C ARG A 205 6.25 15.09 4.76
N PRO A 206 5.02 15.52 4.43
CA PRO A 206 4.85 16.94 4.08
C PRO A 206 5.16 17.93 5.21
N PHE A 207 5.33 17.44 6.43
CA PHE A 207 5.60 18.31 7.57
C PHE A 207 6.99 18.09 8.14
N ILE A 208 7.76 17.21 7.51
CA ILE A 208 9.12 16.94 7.93
C ILE A 208 10.11 17.42 6.87
N PRO A 209 10.96 18.39 7.23
CA PRO A 209 11.86 19.04 6.28
C PRO A 209 13.01 18.17 5.81
N TYR A 210 13.29 18.22 4.51
CA TYR A 210 14.49 17.60 3.93
C TYR A 210 15.28 18.68 3.21
N ASN A 211 16.58 18.49 3.08
CA ASN A 211 17.43 19.36 2.27
C ASN A 211 18.58 18.56 1.69
N LEU A 212 19.23 19.10 0.66
CA LEU A 212 20.42 18.46 0.11
C LEU A 212 21.68 18.97 0.78
N TYR A 213 22.48 18.05 1.30
CA TYR A 213 23.65 18.43 2.08
C TYR A 213 24.96 17.88 1.51
N THR A 214 25.95 18.76 1.39
CA THR A 214 27.31 18.33 1.09
C THR A 214 27.77 17.45 2.24
N PRO A 215 28.19 16.22 1.93
CA PRO A 215 28.57 15.23 2.95
C PRO A 215 29.99 15.41 3.46
N ALA A 216 30.24 14.92 4.66
CA ALA A 216 31.57 15.00 5.27
C ALA A 216 31.70 13.96 6.37
N THR A 217 32.94 13.69 6.78
CA THR A 217 33.19 12.72 7.84
C THR A 217 34.14 13.29 8.90
N TYR A 218 33.75 13.14 10.16
CA TYR A 218 34.60 13.53 11.29
C TYR A 218 35.96 12.86 11.21
N GLN A 219 37.01 13.65 11.35
CA GLN A 219 38.37 13.11 11.44
C GLN A 219 38.93 13.37 12.83
N LEU A 220 39.14 12.30 13.59
CA LEU A 220 39.66 12.39 14.94
C LEU A 220 41.19 12.44 14.93
N THR A 221 41.76 13.48 15.52
CA THR A 221 43.20 13.65 15.54
C THR A 221 43.79 13.21 16.87
N GLU A 222 45.11 13.18 16.94
CA GLU A 222 45.83 12.72 18.13
C GLU A 222 45.57 13.61 19.34
N GLU A 223 45.18 14.86 19.08
CA GLU A 223 44.99 15.86 20.13
C GLU A 223 43.58 15.80 20.74
N GLY A 224 42.83 14.74 20.42
CA GLY A 224 41.46 14.62 20.87
C GLY A 224 40.54 15.67 20.28
N THR A 225 40.72 15.95 19.00
CA THR A 225 39.92 16.95 18.28
C THR A 225 39.24 16.37 17.04
N PHE A 226 37.97 16.72 16.86
CA PHE A 226 37.20 16.29 15.69
C PHE A 226 37.09 17.40 14.66
N ARG A 227 37.57 17.14 13.45
CA ARG A 227 37.47 18.13 12.38
C ARG A 227 36.65 17.62 11.21
N VAL A 228 35.64 18.40 10.83
CA VAL A 228 34.75 18.04 9.74
C VAL A 228 35.45 18.16 8.39
N VAL A 229 35.67 17.04 7.72
CA VAL A 229 36.36 17.03 6.44
C VAL A 229 35.44 16.63 5.29
N ASP A 230 35.32 17.53 4.30
CA ASP A 230 34.48 17.29 3.13
C ASP A 230 34.88 16.04 2.36
N GLU A 231 33.90 15.19 2.06
CA GLU A 231 34.11 14.02 1.21
C GLU A 231 33.66 14.35 -0.20
N GLU A 232 34.60 14.68 -1.08
CA GLU A 232 34.28 15.07 -2.44
C GLU A 232 34.17 13.87 -3.38
N ALA A 233 33.78 12.72 -2.82
CA ALA A 233 33.60 11.51 -3.61
C ALA A 233 32.16 10.97 -3.52
N MET A 234 31.19 11.87 -3.45
CA MET A 234 29.78 11.51 -3.43
C MET A 234 28.90 12.75 -3.55
N GLU A 235 27.84 12.65 -4.35
CA GLU A 235 26.89 13.74 -4.48
C GLU A 235 26.07 13.87 -3.19
N LYS A 236 25.52 15.07 -2.99
CA LYS A 236 24.79 15.40 -1.77
C LYS A 236 23.78 14.35 -1.31
N VAL A 237 23.68 14.19 0.00
CA VAL A 237 22.71 13.28 0.59
C VAL A 237 21.60 14.08 1.27
N PRO A 238 20.34 13.74 0.97
CA PRO A 238 19.20 14.41 1.60
C PRO A 238 19.01 13.93 3.05
N TRP A 239 18.84 14.88 3.96
CA TRP A 239 18.70 14.55 5.38
C TRP A 239 17.73 15.50 6.08
N ILE A 240 17.26 15.09 7.25
CA ILE A 240 16.33 15.89 8.05
C ILE A 240 17.10 16.77 9.03
N PRO A 241 17.04 18.10 8.85
CA PRO A 241 17.72 19.05 9.73
C PRO A 241 16.88 19.41 10.95
N LEU A 242 15.95 18.54 11.33
CA LEU A 242 15.07 18.83 12.46
C LEU A 242 15.35 17.92 13.65
N ASP A 243 15.47 18.53 14.83
CA ASP A 243 15.64 17.79 16.06
C ASP A 243 14.29 17.64 16.75
N PRO A 244 13.70 16.44 16.67
CA PRO A 244 12.36 16.18 17.22
C PRO A 244 12.28 16.40 18.73
N LEU A 245 13.40 16.27 19.43
CA LEU A 245 13.43 16.52 20.87
C LEU A 245 13.17 18.00 21.16
N ALA A 246 13.96 18.87 20.53
CA ALA A 246 13.76 20.31 20.64
C ALA A 246 13.61 20.92 19.25
N PRO A 247 12.40 20.83 18.68
CA PRO A 247 12.13 21.29 17.30
C PRO A 247 12.32 22.79 17.14
N ASP A 248 12.98 23.19 16.05
CA ASP A 248 13.11 24.60 15.70
C ASP A 248 11.85 25.05 14.96
N LEU A 249 10.81 25.40 15.73
CA LEU A 249 9.50 25.69 15.18
C LEU A 249 9.39 27.09 14.58
N THR A 250 10.48 27.84 14.59
CA THR A 250 10.50 29.15 13.95
C THR A 250 10.84 29.00 12.47
N GLN A 251 11.66 27.99 12.17
CA GLN A 251 12.10 27.71 10.80
C GLN A 251 11.32 26.57 10.17
N TYR A 252 10.83 25.66 11.00
CA TYR A 252 9.97 24.58 10.51
C TYR A 252 8.69 24.50 11.34
N PRO A 253 7.81 25.51 11.17
CA PRO A 253 6.60 25.63 11.99
C PRO A 253 5.62 24.50 11.69
N SER A 254 5.58 24.08 10.42
CA SER A 254 4.65 23.06 9.95
C SER A 254 4.93 21.69 10.55
N TYR A 255 6.06 21.54 11.23
CA TYR A 255 6.37 20.30 11.90
C TYR A 255 5.40 20.07 13.06
N SER A 256 4.85 21.16 13.58
CA SER A 256 3.84 21.08 14.63
C SER A 256 2.55 20.46 14.12
N GLN A 257 2.37 20.47 12.79
CA GLN A 257 1.22 19.81 12.19
C GLN A 257 1.41 18.30 12.15
N ALA A 258 2.66 17.86 12.21
CA ALA A 258 2.98 16.44 12.29
C ALA A 258 2.83 15.97 13.73
N GLN A 259 2.65 14.67 13.91
CA GLN A 259 2.54 14.09 15.24
C GLN A 259 3.49 12.91 15.39
N ALA A 260 4.19 12.87 16.52
CA ALA A 260 5.15 11.81 16.77
C ALA A 260 4.58 10.74 17.69
N LEU A 261 5.05 9.51 17.51
CA LEU A 261 4.75 8.44 18.45
C LEU A 261 5.96 8.18 19.33
N HIS A 262 5.71 7.77 20.58
CA HIS A 262 6.80 7.48 21.50
C HIS A 262 6.61 6.11 22.13
N CYS A 263 7.69 5.34 22.20
CA CYS A 263 7.65 4.05 22.87
C CYS A 263 9.02 3.63 23.39
N THR A 264 9.07 3.21 24.64
CA THR A 264 10.29 2.68 25.22
C THR A 264 10.27 1.17 25.09
N VAL A 265 11.19 0.63 24.31
CA VAL A 265 11.26 -0.80 24.06
C VAL A 265 12.35 -1.41 24.93
N ARG A 266 11.94 -2.36 25.77
CA ARG A 266 12.76 -2.83 26.89
C ARG A 266 13.38 -4.21 26.67
N ALA A 267 14.12 -4.68 27.67
CA ALA A 267 14.79 -5.98 27.59
C ALA A 267 13.81 -7.13 27.33
N GLY A 268 14.06 -7.86 26.26
CA GLY A 268 13.20 -8.98 25.90
C GLY A 268 11.98 -8.56 25.11
N GLU A 269 12.03 -7.35 24.55
CA GLU A 269 10.92 -6.86 23.74
C GLU A 269 11.38 -6.60 22.31
N MET A 270 10.44 -6.72 21.36
CA MET A 270 10.75 -6.58 19.95
C MET A 270 9.80 -5.60 19.26
N LEU A 271 10.35 -4.59 18.63
CA LEU A 271 9.54 -3.58 17.93
C LEU A 271 9.50 -3.82 16.43
N TYR A 272 8.30 -3.86 15.87
CA TYR A 272 8.17 -3.86 14.41
C TYR A 272 8.23 -2.43 13.90
N LEU A 273 9.38 -2.04 13.39
CA LEU A 273 9.56 -0.73 12.79
C LEU A 273 9.37 -0.84 11.29
N PRO A 274 8.19 -0.42 10.80
CA PRO A 274 7.81 -0.61 9.40
C PRO A 274 8.68 0.21 8.45
N ALA A 275 8.76 -0.22 7.20
CA ALA A 275 9.58 0.47 6.20
C ALA A 275 9.14 1.91 6.01
N LEU A 276 10.12 2.76 5.71
CA LEU A 276 9.89 4.18 5.43
C LEU A 276 9.38 4.99 6.63
N TRP A 277 9.21 4.34 7.77
CA TRP A 277 8.82 5.03 9.00
C TRP A 277 10.00 5.83 9.54
N PHE A 278 9.78 7.10 9.83
CA PHE A 278 10.82 7.94 10.42
C PHE A 278 11.01 7.56 11.88
N HIS A 279 12.26 7.39 12.30
CA HIS A 279 12.54 7.15 13.71
C HIS A 279 13.74 7.92 14.23
N HIS A 280 13.66 8.28 15.51
CA HIS A 280 14.72 8.97 16.22
C HIS A 280 15.03 8.12 17.45
N VAL A 281 16.29 7.71 17.58
CA VAL A 281 16.63 6.68 18.58
C VAL A 281 17.52 7.17 19.71
N GLN A 282 17.05 6.95 20.94
CA GLN A 282 17.85 7.19 22.13
C GLN A 282 17.98 5.88 22.90
N GLN A 283 19.02 5.78 23.73
CA GLN A 283 19.28 4.54 24.45
C GLN A 283 19.73 4.80 25.89
N SER A 284 19.55 3.79 26.74
CA SER A 284 20.11 3.83 28.08
C SER A 284 21.61 3.58 27.97
N HIS A 285 22.35 3.85 29.03
CA HIS A 285 23.80 3.67 29.00
C HIS A 285 24.17 2.20 28.92
N GLY A 286 24.94 1.85 27.89
CA GLY A 286 25.41 0.48 27.71
C GLY A 286 24.34 -0.46 27.19
N CYS A 287 23.37 0.10 26.48
CA CYS A 287 22.27 -0.69 25.93
C CYS A 287 22.75 -1.64 24.83
N ILE A 288 22.30 -2.89 24.89
CA ILE A 288 22.65 -3.89 23.89
C ILE A 288 21.42 -4.29 23.09
N ALA A 289 21.51 -4.21 21.78
CA ALA A 289 20.38 -4.52 20.90
C ALA A 289 20.79 -5.26 19.64
N VAL A 290 19.86 -6.02 19.08
CA VAL A 290 20.05 -6.71 17.82
C VAL A 290 18.82 -6.47 16.95
N ASN A 291 19.01 -5.98 15.73
CA ASN A 291 17.87 -5.79 14.83
C ASN A 291 18.03 -6.55 13.51
N PHE A 292 16.90 -6.90 12.91
CA PHE A 292 16.88 -7.65 11.68
C PHE A 292 16.30 -6.82 10.53
N TRP A 293 17.05 -6.74 9.44
CA TRP A 293 16.64 -5.96 8.28
C TRP A 293 16.16 -6.84 7.13
N TYR A 294 14.86 -6.84 6.89
CA TYR A 294 14.30 -7.46 5.70
C TYR A 294 14.06 -6.37 4.68
N ASP A 295 14.58 -6.55 3.48
CA ASP A 295 14.38 -5.57 2.41
C ASP A 295 12.90 -5.43 2.11
N MET A 296 12.41 -4.20 2.08
CA MET A 296 10.98 -3.93 1.92
C MET A 296 10.47 -4.41 0.56
N GLU A 297 9.15 -4.61 0.47
CA GLU A 297 8.53 -4.93 -0.80
C GLU A 297 8.31 -3.64 -1.57
N TYR A 298 8.86 -3.58 -2.78
CA TYR A 298 8.75 -2.37 -3.59
C TYR A 298 7.49 -2.39 -4.45
N ASP A 299 6.36 -2.10 -3.80
CA ASP A 299 5.06 -2.17 -4.44
C ASP A 299 4.44 -0.77 -4.39
N LEU A 300 3.14 -0.70 -4.64
CA LEU A 300 2.44 0.56 -4.85
C LEU A 300 2.73 1.55 -3.72
N LYS A 301 2.76 1.05 -2.48
CA LYS A 301 3.04 1.89 -1.31
C LYS A 301 4.34 2.67 -1.45
N TYR A 302 5.36 2.01 -2.02
CA TYR A 302 6.66 2.64 -2.21
C TYR A 302 6.59 3.69 -3.32
N SER A 303 5.95 3.33 -4.43
CA SER A 303 5.79 4.26 -5.54
C SER A 303 4.97 5.48 -5.13
N TYR A 304 4.00 5.25 -4.26
CA TYR A 304 3.17 6.34 -3.73
C TYR A 304 4.01 7.32 -2.92
N PHE A 305 4.88 6.79 -2.06
CA PHE A 305 5.74 7.61 -1.23
C PHE A 305 6.66 8.48 -2.09
N GLN A 306 7.17 7.90 -3.18
CA GLN A 306 8.06 8.63 -4.08
C GLN A 306 7.34 9.81 -4.72
N LEU A 307 6.08 9.61 -5.07
CA LEU A 307 5.28 10.67 -5.67
C LEU A 307 5.10 11.82 -4.68
N MET A 308 4.57 11.51 -3.50
CA MET A 308 4.24 12.55 -2.53
C MET A 308 5.49 13.21 -1.92
N ASP A 309 6.62 12.52 -2.00
CA ASP A 309 7.89 13.12 -1.62
C ASP A 309 8.28 14.16 -2.66
N THR A 310 8.16 13.77 -3.92
CA THR A 310 8.39 14.68 -5.04
C THR A 310 7.42 15.86 -4.99
N LEU A 311 6.16 15.56 -4.69
CA LEU A 311 5.14 16.59 -4.58
C LEU A 311 5.43 17.59 -3.46
N THR A 312 5.92 17.08 -2.34
CA THR A 312 6.28 17.93 -1.21
C THR A 312 7.40 18.88 -1.62
N ARG A 313 8.31 18.38 -2.45
CA ARG A 313 9.41 19.18 -2.97
C ARG A 313 8.92 20.27 -3.91
N ALA A 314 8.14 19.88 -4.92
CA ALA A 314 7.67 20.78 -5.96
C ALA A 314 6.79 21.92 -5.43
N THR A 315 6.10 21.67 -4.32
CA THR A 315 5.24 22.68 -3.72
C THR A 315 5.96 23.47 -2.63
N GLY A 316 7.24 23.16 -2.43
CA GLY A 316 8.07 23.86 -1.46
C GLY A 316 7.55 23.76 -0.05
N LEU A 317 6.98 22.61 0.30
CA LEU A 317 6.32 22.44 1.59
C LEU A 317 7.29 22.04 2.71
N ASP A 318 8.45 21.51 2.29
CA ASP A 318 9.61 21.08 3.10
C ASP A 318 9.91 19.59 2.98
N GLY B 1 8.69 34.56 -4.99
CA GLY B 1 9.89 33.77 -4.76
C GLY B 1 10.07 32.73 -5.85
N SER B 2 9.17 31.76 -5.86
CA SER B 2 9.15 30.76 -6.93
C SER B 2 7.85 30.89 -7.72
N MET B 3 7.95 30.79 -9.04
CA MET B 3 6.80 30.93 -9.91
C MET B 3 5.79 29.81 -9.67
N ALA B 4 4.55 30.17 -9.35
CA ALA B 4 3.52 29.21 -9.00
C ALA B 4 3.16 28.27 -10.16
N GLU B 5 3.23 28.79 -11.38
CA GLU B 5 2.88 28.00 -12.56
C GLU B 5 3.97 26.99 -12.92
N ALA B 6 5.22 27.34 -12.65
CA ALA B 6 6.33 26.42 -12.84
C ALA B 6 6.25 25.32 -11.79
N ALA B 7 5.70 25.66 -10.63
CA ALA B 7 5.51 24.70 -9.55
C ALA B 7 4.37 23.73 -9.88
N LEU B 8 3.37 24.24 -10.59
CA LEU B 8 2.25 23.40 -11.01
C LEU B 8 2.68 22.45 -12.12
N GLU B 9 3.57 22.92 -12.99
CA GLU B 9 4.08 22.07 -14.05
C GLU B 9 4.95 20.95 -13.47
N ALA B 10 5.61 21.24 -12.36
CA ALA B 10 6.40 20.24 -11.65
C ALA B 10 5.47 19.18 -11.04
N VAL B 11 4.37 19.64 -10.45
CA VAL B 11 3.37 18.74 -9.89
C VAL B 11 2.77 17.85 -10.98
N ARG B 12 2.46 18.45 -12.13
CA ARG B 12 1.87 17.71 -13.24
C ARG B 12 2.82 16.66 -13.81
N ARG B 13 4.06 17.06 -14.06
CA ARG B 13 5.07 16.16 -14.59
C ARG B 13 5.26 14.95 -13.67
N ALA B 14 5.25 15.20 -12.37
CA ALA B 14 5.40 14.12 -11.39
C ALA B 14 4.23 13.16 -11.46
N LEU B 15 3.02 13.70 -11.62
CA LEU B 15 1.81 12.89 -11.75
C LEU B 15 1.82 12.08 -13.05
N GLN B 16 2.40 12.65 -14.09
CA GLN B 16 2.40 12.02 -15.42
C GLN B 16 3.40 10.88 -15.54
N GLU B 17 4.45 10.91 -14.74
CA GLU B 17 5.47 9.86 -14.73
C GLU B 17 5.06 8.72 -13.80
N PHE B 18 4.16 9.04 -12.86
CA PHE B 18 3.72 8.08 -11.84
C PHE B 18 3.14 6.76 -12.36
N PRO B 19 2.20 6.81 -13.34
CA PRO B 19 1.65 5.55 -13.84
C PRO B 19 2.69 4.62 -14.46
N ALA B 20 3.70 5.19 -15.12
CA ALA B 20 4.77 4.38 -15.70
C ALA B 20 5.66 3.79 -14.62
N ALA B 21 6.13 4.64 -13.71
CA ALA B 21 7.04 4.22 -12.66
C ALA B 21 6.42 3.20 -11.70
N ALA B 22 5.10 3.25 -11.56
CA ALA B 22 4.40 2.34 -10.66
C ALA B 22 4.13 0.98 -11.31
N ARG B 23 3.81 0.97 -12.60
CA ARG B 23 3.52 -0.27 -13.30
C ARG B 23 4.82 -0.99 -13.67
N ASP B 24 5.88 -0.23 -13.89
CA ASP B 24 7.18 -0.79 -14.20
C ASP B 24 7.77 -1.44 -12.96
N LEU B 25 7.32 -1.00 -11.80
CA LEU B 25 7.84 -1.49 -10.54
C LEU B 25 7.18 -2.81 -10.11
N ASN B 26 5.86 -2.85 -10.13
CA ASN B 26 5.16 -3.97 -9.52
C ASN B 26 3.93 -4.51 -10.25
N VAL B 27 3.59 -3.94 -11.40
CA VAL B 27 2.44 -4.42 -12.17
C VAL B 27 2.86 -5.15 -13.45
N PRO B 28 2.62 -6.47 -13.49
CA PRO B 28 2.95 -7.32 -14.64
C PRO B 28 2.20 -6.89 -15.89
N ARG B 29 2.83 -7.02 -17.06
CA ARG B 29 2.22 -6.61 -18.31
C ARG B 29 1.00 -7.46 -18.64
N VAL B 30 1.12 -8.78 -18.46
CA VAL B 30 -0.02 -9.67 -18.64
C VAL B 30 -0.52 -10.18 -17.29
N VAL B 31 -1.78 -10.57 -17.24
CA VAL B 31 -2.34 -11.11 -16.00
C VAL B 31 -1.87 -12.54 -15.79
N PRO B 32 -1.21 -12.79 -14.65
CA PRO B 32 -0.66 -14.11 -14.34
C PRO B 32 -1.74 -15.10 -13.93
N TYR B 33 -1.50 -16.38 -14.19
CA TYR B 33 -2.41 -17.44 -13.78
C TYR B 33 -1.86 -18.17 -12.56
N LEU B 34 -2.75 -18.55 -11.65
CA LEU B 34 -2.40 -19.51 -10.61
C LEU B 34 -2.98 -20.85 -11.01
N ASP B 35 -2.18 -21.91 -10.89
CA ASP B 35 -2.64 -23.24 -11.29
C ASP B 35 -3.53 -23.86 -10.23
N GLU B 36 -3.61 -23.22 -9.08
CA GLU B 36 -4.49 -23.65 -8.00
C GLU B 36 -4.64 -22.51 -6.98
N PRO B 37 -5.68 -22.58 -6.14
CA PRO B 37 -5.86 -21.59 -5.07
C PRO B 37 -4.61 -21.41 -4.21
N PRO B 38 -4.27 -20.16 -3.90
CA PRO B 38 -3.11 -19.83 -3.05
C PRO B 38 -3.46 -20.02 -1.58
N SER B 39 -2.45 -20.16 -0.74
CA SER B 39 -2.66 -20.16 0.70
C SER B 39 -3.06 -18.75 1.11
N PRO B 40 -3.80 -18.62 2.22
CA PRO B 40 -4.20 -17.32 2.76
C PRO B 40 -3.02 -16.33 2.84
N LEU B 41 -1.87 -16.78 3.31
CA LEU B 41 -0.69 -15.91 3.44
C LEU B 41 -0.17 -15.44 2.09
N CYS B 42 -0.02 -16.37 1.16
CA CYS B 42 0.49 -16.03 -0.17
C CYS B 42 -0.44 -15.08 -0.91
N PHE B 43 -1.74 -15.26 -0.71
CA PHE B 43 -2.73 -14.42 -1.37
C PHE B 43 -2.55 -12.96 -0.96
N TYR B 44 -2.30 -12.73 0.33
CA TYR B 44 -2.12 -11.37 0.84
C TYR B 44 -0.80 -10.77 0.41
N ARG B 45 0.28 -11.56 0.48
CA ARG B 45 1.60 -11.04 0.14
C ARG B 45 1.79 -10.83 -1.35
N ASP B 46 1.33 -11.79 -2.15
CA ASP B 46 1.59 -11.77 -3.59
C ASP B 46 0.59 -10.92 -4.38
N TRP B 47 -0.61 -10.72 -3.84
CA TRP B 47 -1.68 -10.11 -4.62
C TRP B 47 -2.47 -8.99 -3.92
N VAL B 48 -2.95 -9.26 -2.71
CA VAL B 48 -3.83 -8.33 -2.01
C VAL B 48 -3.11 -7.06 -1.57
N CYS B 49 -2.00 -7.22 -0.86
CA CYS B 49 -1.18 -6.10 -0.42
C CYS B 49 -0.57 -5.29 -1.58
N PRO B 50 0.07 -5.96 -2.56
CA PRO B 50 0.60 -5.17 -3.67
C PRO B 50 -0.46 -4.74 -4.68
N ASN B 51 -1.72 -5.09 -4.41
CA ASN B 51 -2.85 -4.69 -5.25
C ASN B 51 -2.74 -5.20 -6.69
N ARG B 52 -2.42 -6.49 -6.85
CA ARG B 52 -2.23 -7.09 -8.16
C ARG B 52 -3.37 -8.04 -8.54
N PRO B 53 -3.71 -8.08 -9.84
CA PRO B 53 -4.72 -9.02 -10.34
C PRO B 53 -4.10 -10.37 -10.71
N CYS B 54 -4.90 -11.43 -10.66
CA CYS B 54 -4.46 -12.75 -11.08
C CYS B 54 -5.67 -13.66 -11.31
N ILE B 55 -5.54 -14.59 -12.25
CA ILE B 55 -6.60 -15.56 -12.49
C ILE B 55 -6.29 -16.88 -11.79
N ILE B 56 -7.26 -17.37 -11.03
CA ILE B 56 -7.05 -18.56 -10.20
C ILE B 56 -7.83 -19.76 -10.73
N ARG B 57 -7.12 -20.85 -10.99
CA ARG B 57 -7.72 -22.06 -11.55
C ARG B 57 -7.98 -23.10 -10.46
N ASN B 58 -8.84 -24.08 -10.78
CA ASN B 58 -9.18 -25.16 -9.85
C ASN B 58 -9.69 -24.66 -8.51
N ALA B 59 -10.35 -23.50 -8.52
CA ALA B 59 -10.87 -22.93 -7.29
C ALA B 59 -12.38 -23.08 -7.21
N LEU B 60 -12.96 -23.72 -8.22
CA LEU B 60 -14.41 -23.82 -8.31
C LEU B 60 -14.95 -25.23 -8.46
N GLN B 61 -14.07 -26.23 -8.43
CA GLN B 61 -14.51 -27.61 -8.68
C GLN B 61 -15.26 -28.23 -7.49
N HIS B 62 -15.39 -27.49 -6.41
CA HIS B 62 -16.24 -27.92 -5.30
C HIS B 62 -17.64 -27.37 -5.45
N TRP B 63 -17.87 -26.64 -6.55
CA TRP B 63 -19.20 -26.12 -6.87
C TRP B 63 -19.94 -27.08 -7.79
N PRO B 64 -21.07 -27.63 -7.32
CA PRO B 64 -21.96 -28.40 -8.18
C PRO B 64 -22.40 -27.57 -9.39
N ALA B 65 -22.41 -26.26 -9.25
CA ALA B 65 -22.78 -25.34 -10.32
C ALA B 65 -21.96 -25.52 -11.59
N LEU B 66 -20.69 -25.88 -11.44
CA LEU B 66 -19.80 -26.01 -12.58
C LEU B 66 -20.22 -27.14 -13.50
N GLN B 67 -20.92 -28.12 -12.94
CA GLN B 67 -21.33 -29.31 -13.69
C GLN B 67 -22.84 -29.33 -13.92
N LYS B 68 -23.50 -28.21 -13.64
CA LYS B 68 -24.95 -28.17 -13.76
C LYS B 68 -25.47 -26.93 -14.49
N TRP B 69 -24.92 -25.77 -14.15
CA TRP B 69 -25.47 -24.50 -14.63
C TRP B 69 -25.41 -24.32 -16.14
N SER B 70 -26.53 -24.63 -16.80
CA SER B 70 -26.73 -24.28 -18.19
C SER B 70 -27.92 -23.34 -18.24
N LEU B 71 -28.23 -22.81 -19.42
CA LEU B 71 -29.41 -21.97 -19.57
C LEU B 71 -30.68 -22.79 -19.38
N SER B 72 -30.57 -24.10 -19.59
CA SER B 72 -31.71 -24.99 -19.43
C SER B 72 -31.89 -25.45 -17.99
N TYR B 73 -30.78 -25.57 -17.26
CA TYR B 73 -30.85 -25.92 -15.85
C TYR B 73 -31.50 -24.79 -15.08
N LEU B 74 -31.16 -23.56 -15.44
CA LEU B 74 -31.73 -22.39 -14.79
C LEU B 74 -33.22 -22.27 -15.03
N ARG B 75 -33.66 -22.68 -16.22
CA ARG B 75 -35.08 -22.65 -16.56
C ARG B 75 -35.87 -23.62 -15.71
N ALA B 76 -35.34 -24.84 -15.57
CA ALA B 76 -36.03 -25.89 -14.82
C ALA B 76 -35.90 -25.69 -13.31
N THR B 77 -34.86 -24.98 -12.90
CA THR B 77 -34.59 -24.81 -11.48
C THR B 77 -35.26 -23.55 -10.92
N VAL B 78 -35.03 -22.41 -11.57
CA VAL B 78 -35.52 -21.14 -11.06
C VAL B 78 -36.28 -20.31 -12.11
N GLY B 79 -36.80 -20.97 -13.14
CA GLY B 79 -37.48 -20.30 -14.23
C GLY B 79 -38.63 -19.39 -13.80
N SER B 80 -39.39 -19.83 -12.81
CA SER B 80 -40.56 -19.08 -12.37
C SER B 80 -40.23 -18.03 -11.31
N THR B 81 -38.94 -17.86 -11.02
CA THR B 81 -38.52 -16.89 -10.02
C THR B 81 -38.21 -15.54 -10.67
N GLU B 82 -38.73 -14.46 -10.08
CA GLU B 82 -38.57 -13.12 -10.64
C GLU B 82 -37.33 -12.42 -10.09
N VAL B 83 -36.55 -11.83 -10.99
CA VAL B 83 -35.30 -11.18 -10.62
C VAL B 83 -35.18 -9.77 -11.18
N SER B 84 -34.20 -9.02 -10.70
CA SER B 84 -33.95 -7.66 -11.18
C SER B 84 -33.17 -7.70 -12.49
N VAL B 85 -33.80 -7.26 -13.57
CA VAL B 85 -33.16 -7.26 -14.87
C VAL B 85 -32.92 -5.84 -15.36
N ALA B 86 -31.69 -5.55 -15.78
CA ALA B 86 -31.36 -4.25 -16.35
C ALA B 86 -31.76 -4.19 -17.81
N VAL B 87 -32.40 -3.08 -18.20
CA VAL B 87 -32.87 -2.92 -19.57
C VAL B 87 -32.26 -1.69 -20.24
N THR B 88 -31.56 -1.93 -21.34
CA THR B 88 -30.90 -0.87 -22.10
C THR B 88 -31.20 -1.03 -23.58
N PRO B 89 -31.22 0.07 -24.34
CA PRO B 89 -31.53 0.00 -25.76
C PRO B 89 -30.36 -0.52 -26.61
N ASP B 90 -29.14 -0.39 -26.12
CA ASP B 90 -27.96 -0.78 -26.90
C ASP B 90 -27.00 -1.72 -26.16
N GLY B 91 -27.24 -1.91 -24.86
CA GLY B 91 -26.44 -2.80 -24.07
C GLY B 91 -25.50 -2.09 -23.11
N TYR B 92 -25.74 -0.80 -22.91
CA TYR B 92 -24.82 -0.01 -22.10
C TYR B 92 -25.49 0.65 -20.90
N ALA B 93 -25.51 -0.08 -19.79
CA ALA B 93 -26.00 0.43 -18.52
C ALA B 93 -24.91 1.24 -17.85
N ASP B 94 -25.30 2.32 -17.17
CA ASP B 94 -24.37 3.19 -16.47
C ASP B 94 -23.23 3.63 -17.37
N ALA B 95 -23.53 4.42 -18.39
CA ALA B 95 -22.51 4.89 -19.32
C ALA B 95 -22.83 6.30 -19.77
N VAL B 96 -21.82 7.01 -20.26
CA VAL B 96 -22.02 8.38 -20.70
C VAL B 96 -22.66 8.43 -22.10
N ARG B 97 -23.69 9.25 -22.23
CA ARG B 97 -24.41 9.41 -23.49
C ARG B 97 -24.65 10.90 -23.74
N GLY B 98 -23.81 11.48 -24.59
CA GLY B 98 -23.87 12.91 -24.83
C GLY B 98 -23.39 13.66 -23.60
N ASP B 99 -24.33 14.30 -22.90
CA ASP B 99 -23.99 15.04 -21.69
C ASP B 99 -24.63 14.42 -20.46
N ARG B 100 -25.04 13.16 -20.58
CA ARG B 100 -25.71 12.47 -19.49
C ARG B 100 -24.97 11.21 -19.05
N PHE B 101 -25.03 10.93 -17.76
CA PHE B 101 -24.66 9.61 -17.25
C PHE B 101 -25.96 8.82 -17.14
N VAL B 102 -26.24 8.01 -18.16
CA VAL B 102 -27.54 7.35 -18.24
C VAL B 102 -27.55 5.99 -17.55
N MET B 103 -28.45 5.85 -16.59
CA MET B 103 -28.60 4.61 -15.84
C MET B 103 -29.71 3.75 -16.46
N PRO B 104 -29.59 2.41 -16.33
CA PRO B 104 -30.51 1.51 -17.03
C PRO B 104 -31.91 1.52 -16.43
N ALA B 105 -32.91 1.24 -17.26
CA ALA B 105 -34.27 1.02 -16.78
C ALA B 105 -34.27 -0.28 -16.00
N GLU B 106 -35.09 -0.36 -14.96
CA GLU B 106 -35.10 -1.53 -14.08
C GLU B 106 -36.44 -2.26 -14.12
N ARG B 107 -36.38 -3.57 -14.36
CA ARG B 107 -37.57 -4.41 -14.41
C ARG B 107 -37.45 -5.62 -13.50
N ARG B 108 -38.60 -6.17 -13.11
CA ARG B 108 -38.65 -7.41 -12.38
C ARG B 108 -39.27 -8.48 -13.26
N LEU B 109 -38.42 -9.30 -13.87
CA LEU B 109 -38.86 -10.32 -14.82
C LEU B 109 -38.58 -11.71 -14.27
N PRO B 110 -39.38 -12.71 -14.70
CA PRO B 110 -39.07 -14.10 -14.34
C PRO B 110 -37.82 -14.55 -15.07
N ILE B 111 -37.05 -15.45 -14.47
CA ILE B 111 -35.83 -15.97 -15.08
C ILE B 111 -36.11 -16.59 -16.44
N SER B 112 -37.16 -17.40 -16.51
CA SER B 112 -37.53 -18.11 -17.73
C SER B 112 -37.85 -17.16 -18.88
N HIS B 113 -38.34 -15.97 -18.57
CA HIS B 113 -38.63 -14.98 -19.60
C HIS B 113 -37.36 -14.32 -20.11
N VAL B 114 -36.38 -14.16 -19.22
CA VAL B 114 -35.09 -13.61 -19.62
C VAL B 114 -34.39 -14.60 -20.53
N LEU B 115 -34.49 -15.87 -20.18
CA LEU B 115 -33.92 -16.94 -20.98
C LEU B 115 -34.57 -16.98 -22.36
N ASP B 116 -35.88 -16.75 -22.41
CA ASP B 116 -36.61 -16.71 -23.67
C ASP B 116 -36.03 -15.65 -24.61
N VAL B 117 -35.76 -14.48 -24.06
CA VAL B 117 -35.20 -13.38 -24.85
C VAL B 117 -33.80 -13.73 -25.36
N LEU B 118 -33.02 -14.38 -24.52
CA LEU B 118 -31.66 -14.77 -24.87
C LEU B 118 -31.65 -15.93 -25.86
N GLU B 119 -32.51 -16.91 -25.64
CA GLU B 119 -32.57 -18.09 -26.50
C GLU B 119 -33.27 -17.79 -27.84
N GLY B 120 -33.96 -16.66 -27.90
CA GLY B 120 -34.60 -16.24 -29.13
C GLY B 120 -36.07 -16.59 -29.20
N ARG B 121 -36.55 -17.34 -28.20
CA ARG B 121 -37.96 -17.72 -28.13
C ARG B 121 -38.86 -16.49 -28.08
N ALA B 122 -38.44 -15.50 -27.29
CA ALA B 122 -39.17 -14.24 -27.21
C ALA B 122 -38.28 -13.09 -27.65
N GLN B 123 -38.89 -11.94 -27.92
CA GLN B 123 -38.13 -10.76 -28.29
C GLN B 123 -38.38 -9.62 -27.32
N HIS B 124 -37.34 -8.83 -27.06
CA HIS B 124 -37.43 -7.70 -26.16
C HIS B 124 -36.85 -6.47 -26.84
N PRO B 125 -37.56 -5.33 -26.76
CA PRO B 125 -37.13 -4.09 -27.40
C PRO B 125 -35.74 -3.64 -26.97
N GLY B 126 -35.34 -4.01 -25.75
CA GLY B 126 -34.03 -3.62 -25.25
C GLY B 126 -33.07 -4.78 -25.02
N VAL B 127 -31.89 -4.46 -24.51
CA VAL B 127 -30.88 -5.45 -24.18
C VAL B 127 -30.98 -5.84 -22.71
N LEU B 128 -31.18 -7.13 -22.43
CA LEU B 128 -31.32 -7.59 -21.05
C LEU B 128 -29.98 -8.04 -20.47
N TYR B 129 -29.77 -7.69 -19.21
CA TYR B 129 -28.60 -8.13 -18.46
C TYR B 129 -29.00 -8.30 -17.00
N VAL B 130 -28.90 -9.53 -16.49
CA VAL B 130 -29.13 -9.75 -15.07
C VAL B 130 -27.91 -9.32 -14.27
N GLN B 131 -27.90 -8.03 -13.94
CA GLN B 131 -26.92 -7.47 -13.03
C GLN B 131 -27.71 -6.87 -11.89
N LYS B 132 -27.02 -6.67 -10.77
CA LYS B 132 -27.56 -6.10 -9.53
C LYS B 132 -26.06 -6.13 -9.27
N GLN B 133 -25.66 -5.62 -8.11
CA GLN B 133 -24.56 -5.97 -7.22
C GLN B 133 -24.93 -5.74 -5.76
N CYS B 134 -26.17 -6.06 -5.39
CA CYS B 134 -26.60 -5.90 -4.00
C CYS B 134 -26.92 -7.26 -3.38
N SER B 135 -26.04 -8.23 -3.57
CA SER B 135 -26.21 -9.59 -3.07
C SER B 135 -27.50 -10.22 -3.59
N ASN B 136 -27.71 -10.16 -4.91
CA ASN B 136 -28.93 -10.68 -5.50
C ASN B 136 -28.99 -12.21 -5.50
N LEU B 137 -27.84 -12.87 -5.40
CA LEU B 137 -27.83 -14.32 -5.33
C LEU B 137 -28.59 -14.82 -4.09
N PRO B 138 -28.13 -14.50 -2.87
CA PRO B 138 -28.87 -15.10 -1.77
C PRO B 138 -30.22 -14.43 -1.50
N THR B 139 -30.41 -13.22 -2.02
CA THR B 139 -31.64 -12.48 -1.77
C THR B 139 -32.72 -12.74 -2.82
N GLU B 140 -32.32 -13.01 -4.05
CA GLU B 140 -33.28 -13.23 -5.13
C GLU B 140 -33.27 -14.65 -5.71
N LEU B 141 -32.15 -15.35 -5.55
CA LEU B 141 -32.05 -16.72 -6.03
C LEU B 141 -31.52 -17.66 -4.94
N PRO B 142 -32.21 -17.73 -3.79
CA PRO B 142 -31.68 -18.47 -2.64
C PRO B 142 -31.49 -19.97 -2.88
N GLN B 143 -32.24 -20.53 -3.83
CA GLN B 143 -32.14 -21.96 -4.12
C GLN B 143 -30.96 -22.28 -5.05
N LEU B 144 -30.25 -21.26 -5.49
CA LEU B 144 -29.04 -21.45 -6.28
C LEU B 144 -27.81 -21.55 -5.39
N LEU B 145 -28.01 -21.37 -4.09
CA LEU B 145 -26.90 -21.32 -3.14
C LEU B 145 -26.24 -22.67 -2.91
N SER B 146 -27.03 -23.74 -2.88
CA SER B 146 -26.49 -25.08 -2.64
C SER B 146 -25.70 -25.60 -3.83
N ASP B 147 -25.67 -24.84 -4.92
CA ASP B 147 -24.86 -25.19 -6.08
C ASP B 147 -23.51 -24.49 -6.04
N ILE B 148 -23.38 -23.49 -5.18
CA ILE B 148 -22.12 -22.78 -5.00
C ILE B 148 -21.74 -22.74 -3.54
N GLU B 149 -20.80 -21.86 -3.20
CA GLU B 149 -20.44 -21.64 -1.80
C GLU B 149 -20.66 -20.17 -1.46
N SER B 150 -21.00 -19.90 -0.20
CA SER B 150 -21.33 -18.54 0.21
C SER B 150 -20.11 -17.61 0.29
N HIS B 151 -18.92 -18.20 0.28
CA HIS B 151 -17.68 -17.42 0.29
C HIS B 151 -16.51 -18.26 -0.21
N VAL B 152 -15.39 -17.60 -0.45
CA VAL B 152 -14.16 -18.28 -0.85
C VAL B 152 -13.31 -18.45 0.40
N PRO B 153 -13.37 -19.65 1.01
CA PRO B 153 -12.84 -19.97 2.34
C PRO B 153 -11.37 -19.61 2.55
N TRP B 154 -10.56 -19.72 1.51
CA TRP B 154 -9.15 -19.35 1.64
C TRP B 154 -8.94 -17.84 1.55
N ALA B 155 -9.83 -17.15 0.84
CA ALA B 155 -9.77 -15.70 0.75
C ALA B 155 -10.40 -15.06 1.99
N SER B 156 -11.30 -15.81 2.64
CA SER B 156 -11.94 -15.33 3.86
C SER B 156 -10.96 -15.32 5.04
N GLU B 157 -10.17 -16.38 5.14
CA GLU B 157 -9.12 -16.44 6.17
C GLU B 157 -8.03 -15.43 5.86
N SER B 158 -7.74 -15.25 4.58
CA SER B 158 -6.74 -14.30 4.13
C SER B 158 -7.10 -12.86 4.49
N LEU B 159 -8.28 -12.43 4.06
CA LEU B 159 -8.72 -11.05 4.30
C LEU B 159 -9.26 -10.86 5.72
N GLY B 160 -9.52 -11.97 6.40
CA GLY B 160 -10.01 -11.94 7.76
C GLY B 160 -11.43 -11.39 7.88
N LYS B 161 -12.27 -11.69 6.90
CA LYS B 161 -13.66 -11.24 6.89
C LYS B 161 -14.50 -12.00 5.88
N MET B 162 -15.81 -12.01 6.10
CA MET B 162 -16.75 -12.61 5.16
C MET B 162 -17.14 -11.57 4.10
N PRO B 163 -17.66 -12.03 2.94
CA PRO B 163 -18.10 -11.09 1.90
C PRO B 163 -19.29 -10.25 2.34
N ASP B 164 -19.44 -9.07 1.76
CA ASP B 164 -20.61 -8.24 1.98
C ASP B 164 -21.71 -8.62 1.00
N ALA B 165 -21.31 -9.16 -0.16
CA ALA B 165 -22.25 -9.51 -1.21
C ALA B 165 -21.82 -10.70 -2.03
N VAL B 166 -22.80 -11.50 -2.45
CA VAL B 166 -22.58 -12.57 -3.41
C VAL B 166 -23.51 -12.30 -4.58
N ASN B 167 -22.94 -12.02 -5.74
CA ASN B 167 -23.73 -11.53 -6.88
C ASN B 167 -23.83 -12.51 -8.04
N PHE B 168 -25.03 -12.62 -8.60
CA PHE B 168 -25.29 -13.47 -9.75
C PHE B 168 -25.28 -12.64 -11.03
N TRP B 169 -24.70 -13.18 -12.10
CA TRP B 169 -24.64 -12.47 -13.37
C TRP B 169 -25.13 -13.35 -14.52
N LEU B 170 -25.95 -12.77 -15.39
CA LEU B 170 -26.46 -13.47 -16.57
C LEU B 170 -26.86 -12.44 -17.63
N GLY B 171 -26.17 -12.43 -18.76
CA GLY B 171 -26.37 -11.35 -19.71
C GLY B 171 -26.30 -11.62 -21.19
N ASP B 172 -26.83 -10.67 -21.94
CA ASP B 172 -26.77 -10.67 -23.39
C ASP B 172 -25.36 -10.30 -23.81
N ALA B 173 -24.91 -10.85 -24.94
CA ALA B 173 -23.55 -10.59 -25.41
C ALA B 173 -23.32 -9.12 -25.78
N SER B 174 -24.41 -8.38 -25.98
CA SER B 174 -24.31 -6.96 -26.29
C SER B 174 -24.19 -6.11 -25.02
N ALA B 175 -24.60 -6.69 -23.88
CA ALA B 175 -24.55 -5.98 -22.61
C ALA B 175 -23.10 -5.77 -22.15
N VAL B 176 -22.72 -4.51 -22.00
CA VAL B 176 -21.34 -4.16 -21.70
C VAL B 176 -21.22 -3.23 -20.49
N THR B 177 -20.43 -3.63 -19.51
CA THR B 177 -20.17 -2.79 -18.34
C THR B 177 -18.97 -1.88 -18.60
N SER B 178 -19.17 -0.57 -18.45
CA SER B 178 -18.14 0.42 -18.79
C SER B 178 -17.11 0.64 -17.69
N LEU B 179 -16.06 1.37 -18.02
CA LEU B 179 -14.96 1.68 -17.09
C LEU B 179 -15.44 2.28 -15.78
N HIS B 180 -14.96 1.69 -14.68
CA HIS B 180 -15.31 2.12 -13.34
C HIS B 180 -14.47 1.32 -12.36
N LYS B 181 -14.59 1.64 -11.07
CA LYS B 181 -13.83 0.96 -10.03
C LYS B 181 -14.73 0.69 -8.83
N ASP B 182 -14.34 -0.28 -8.00
CA ASP B 182 -15.12 -0.61 -6.81
C ASP B 182 -14.29 -0.51 -5.53
N HIS B 183 -14.98 -0.30 -4.42
CA HIS B 183 -14.34 -0.28 -3.11
C HIS B 183 -14.41 -1.66 -2.47
N TYR B 184 -14.18 -2.70 -3.27
CA TYR B 184 -14.22 -4.07 -2.79
C TYR B 184 -13.07 -4.91 -3.34
N GLU B 185 -12.74 -5.99 -2.64
CA GLU B 185 -11.86 -7.01 -3.19
C GLU B 185 -12.74 -8.02 -3.91
N ASN B 186 -12.59 -8.10 -5.23
CA ASN B 186 -13.50 -8.88 -6.07
C ASN B 186 -12.88 -10.17 -6.59
N LEU B 187 -13.58 -11.28 -6.39
CA LEU B 187 -13.14 -12.56 -6.94
C LEU B 187 -14.13 -13.00 -8.00
N TYR B 188 -13.83 -12.79 -9.27
CA TYR B 188 -14.85 -13.04 -10.28
C TYR B 188 -14.87 -14.50 -10.75
N CYS B 189 -15.96 -15.20 -10.48
CA CYS B 189 -16.06 -16.61 -10.89
C CYS B 189 -17.00 -16.87 -12.07
N VAL B 190 -16.43 -17.33 -13.18
CA VAL B 190 -17.21 -17.65 -14.37
C VAL B 190 -17.65 -19.11 -14.37
N VAL B 191 -18.96 -19.33 -14.40
CA VAL B 191 -19.52 -20.67 -14.37
C VAL B 191 -19.76 -21.21 -15.78
N SER B 192 -20.24 -20.36 -16.66
CA SER B 192 -20.52 -20.75 -18.04
C SER B 192 -20.21 -19.62 -19.01
N GLY B 193 -19.58 -19.96 -20.13
CA GLY B 193 -19.18 -18.96 -21.09
C GLY B 193 -17.85 -18.35 -20.69
N GLU B 194 -17.61 -17.12 -21.10
CA GLU B 194 -16.36 -16.44 -20.76
C GLU B 194 -16.53 -14.93 -20.66
N LYS B 195 -15.70 -14.31 -19.82
CA LYS B 195 -15.76 -12.87 -19.60
C LYS B 195 -14.49 -12.20 -20.11
N HIS B 196 -14.64 -11.08 -20.79
CA HIS B 196 -13.50 -10.33 -21.32
C HIS B 196 -13.28 -9.04 -20.55
N PHE B 197 -12.28 -9.04 -19.67
CA PHE B 197 -11.99 -7.89 -18.82
C PHE B 197 -10.91 -6.98 -19.40
N LEU B 198 -11.17 -5.68 -19.39
CA LEU B 198 -10.16 -4.69 -19.71
C LEU B 198 -9.81 -3.95 -18.42
N LEU B 199 -8.55 -4.08 -18.00
CA LEU B 199 -8.15 -3.57 -16.69
C LEU B 199 -7.16 -2.43 -16.73
N HIS B 200 -7.25 -1.55 -15.74
CA HIS B 200 -6.26 -0.51 -15.50
C HIS B 200 -6.00 -0.44 -14.00
N PRO B 201 -4.72 -0.38 -13.60
CA PRO B 201 -4.43 -0.21 -12.18
C PRO B 201 -4.85 1.18 -11.72
N PRO B 202 -5.14 1.34 -10.41
CA PRO B 202 -5.57 2.65 -9.88
C PRO B 202 -4.52 3.74 -10.11
N SER B 203 -3.28 3.33 -10.35
CA SER B 203 -2.18 4.26 -10.59
C SER B 203 -2.23 4.87 -11.99
N ASP B 204 -3.15 4.39 -12.83
CA ASP B 204 -3.31 4.95 -14.17
C ASP B 204 -4.25 6.15 -14.16
N ARG B 205 -4.82 6.43 -12.99
CA ARG B 205 -5.76 7.52 -12.79
C ARG B 205 -5.42 8.87 -13.45
N PRO B 206 -4.14 9.31 -13.39
CA PRO B 206 -3.83 10.58 -14.07
C PRO B 206 -4.04 10.56 -15.59
N PHE B 207 -4.35 9.40 -16.17
CA PHE B 207 -4.57 9.30 -17.61
C PHE B 207 -6.00 8.84 -17.93
N ILE B 208 -6.79 8.61 -16.89
CA ILE B 208 -8.19 8.19 -17.06
C ILE B 208 -9.14 9.34 -16.72
N PRO B 209 -9.79 9.90 -17.75
CA PRO B 209 -10.65 11.08 -17.60
C PRO B 209 -11.84 10.88 -16.68
N TYR B 210 -12.18 11.93 -15.96
CA TYR B 210 -13.38 11.97 -15.14
C TYR B 210 -14.04 13.32 -15.31
N ASN B 211 -15.31 13.33 -15.68
CA ASN B 211 -16.07 14.58 -15.81
C ASN B 211 -17.30 14.55 -14.91
N LEU B 212 -17.91 15.71 -14.73
CA LEU B 212 -19.14 15.81 -13.95
C LEU B 212 -20.35 15.71 -14.89
N TYR B 213 -21.25 14.77 -14.59
CA TYR B 213 -22.40 14.54 -15.46
C TYR B 213 -23.75 14.61 -14.75
N THR B 214 -24.74 15.15 -15.47
CA THR B 214 -26.12 15.15 -15.00
C THR B 214 -26.68 13.75 -15.17
N PRO B 215 -27.10 13.13 -14.05
CA PRO B 215 -27.61 11.75 -14.09
C PRO B 215 -28.95 11.65 -14.81
N ALA B 216 -29.07 10.65 -15.67
CA ALA B 216 -30.32 10.38 -16.38
C ALA B 216 -30.65 8.89 -16.29
N THR B 217 -31.90 8.55 -16.53
CA THR B 217 -32.33 7.15 -16.48
C THR B 217 -33.14 6.80 -17.73
N TYR B 218 -32.85 5.64 -18.30
CA TYR B 218 -33.66 5.13 -19.41
C TYR B 218 -35.07 4.82 -18.94
N GLN B 219 -36.05 5.32 -19.69
CA GLN B 219 -37.44 4.96 -19.46
C GLN B 219 -37.96 4.13 -20.63
N LEU B 220 -38.76 3.12 -20.31
CA LEU B 220 -39.34 2.26 -21.32
C LEU B 220 -40.85 2.49 -21.39
N THR B 221 -41.30 3.06 -22.51
CA THR B 221 -42.71 3.39 -22.66
C THR B 221 -43.55 2.16 -22.94
N GLU B 222 -44.87 2.31 -22.82
CA GLU B 222 -45.81 1.24 -23.16
C GLU B 222 -45.98 1.14 -24.67
N GLU B 223 -45.17 1.91 -25.39
CA GLU B 223 -45.20 1.94 -26.85
C GLU B 223 -44.08 1.05 -27.40
N GLY B 224 -43.08 0.78 -26.56
CA GLY B 224 -41.91 0.04 -26.97
C GLY B 224 -40.82 0.98 -27.44
N THR B 225 -40.65 2.07 -26.71
CA THR B 225 -39.74 3.14 -27.10
C THR B 225 -38.89 3.59 -25.90
N PHE B 226 -37.61 3.89 -26.16
CA PHE B 226 -36.70 4.32 -25.11
C PHE B 226 -36.50 5.83 -25.06
N ARG B 227 -36.65 6.40 -23.88
CA ARG B 227 -36.41 7.82 -23.66
C ARG B 227 -35.39 8.01 -22.54
N VAL B 228 -34.64 9.11 -22.62
CA VAL B 228 -33.62 9.41 -21.62
C VAL B 228 -34.10 10.51 -20.68
N VAL B 229 -34.61 10.11 -19.52
CA VAL B 229 -35.23 11.05 -18.58
C VAL B 229 -34.26 11.49 -17.49
N ASP B 230 -34.02 12.79 -17.41
CA ASP B 230 -33.18 13.35 -16.36
C ASP B 230 -33.97 13.43 -15.05
N GLU B 231 -33.48 12.76 -14.01
CA GLU B 231 -34.00 12.99 -12.68
C GLU B 231 -33.20 14.12 -12.07
N GLU B 232 -33.56 14.54 -10.86
CA GLU B 232 -32.86 15.63 -10.19
C GLU B 232 -33.21 16.96 -10.87
N ALA B 233 -32.43 17.99 -10.56
CA ALA B 233 -32.61 19.29 -11.20
C ALA B 233 -31.20 19.46 -11.76
N MET B 234 -30.23 19.72 -10.88
CA MET B 234 -28.95 20.31 -11.16
C MET B 234 -27.87 19.29 -10.81
N GLU B 235 -27.73 19.02 -9.51
CA GLU B 235 -26.68 18.13 -9.02
C GLU B 235 -26.09 16.88 -9.68
N LYS B 236 -24.80 16.92 -9.98
CA LYS B 236 -24.10 16.12 -10.99
C LYS B 236 -23.27 14.98 -10.39
N VAL B 237 -23.12 13.91 -11.15
CA VAL B 237 -22.31 12.76 -10.74
C VAL B 237 -21.07 12.67 -11.61
N PRO B 238 -19.95 12.22 -11.04
CA PRO B 238 -18.72 12.04 -11.81
C PRO B 238 -18.65 10.65 -12.44
N TRP B 239 -18.13 10.57 -13.66
CA TRP B 239 -17.95 9.28 -14.33
C TRP B 239 -16.98 9.37 -15.50
N ILE B 240 -16.46 8.22 -15.92
CA ILE B 240 -15.46 8.16 -16.99
C ILE B 240 -16.13 8.23 -18.37
N PRO B 241 -15.76 9.26 -19.15
CA PRO B 241 -16.32 9.53 -20.48
C PRO B 241 -15.55 8.85 -21.60
N LEU B 242 -14.86 7.76 -21.28
CA LEU B 242 -13.99 7.13 -22.27
C LEU B 242 -14.41 5.70 -22.61
N ASP B 243 -14.41 5.38 -23.90
CA ASP B 243 -14.64 4.03 -24.36
C ASP B 243 -13.28 3.39 -24.64
N PRO B 244 -12.86 2.45 -23.79
CA PRO B 244 -11.53 1.84 -23.90
C PRO B 244 -11.34 1.04 -25.17
N LEU B 245 -12.45 0.59 -25.77
CA LEU B 245 -12.38 -0.19 -27.00
C LEU B 245 -12.10 0.72 -28.20
N ALA B 246 -12.71 1.89 -28.20
CA ALA B 246 -12.48 2.89 -29.24
C ALA B 246 -12.27 4.27 -28.61
N PRO B 247 -11.07 4.50 -28.06
CA PRO B 247 -10.75 5.71 -27.30
C PRO B 247 -10.80 6.98 -28.14
N ASP B 248 -11.54 8.00 -27.69
CA ASP B 248 -11.49 9.32 -28.34
C ASP B 248 -10.23 10.05 -27.87
N LEU B 249 -9.16 9.94 -28.67
CA LEU B 249 -7.88 10.52 -28.30
C LEU B 249 -7.75 11.96 -28.77
N THR B 250 -8.84 12.51 -29.29
CA THR B 250 -8.87 13.91 -29.69
C THR B 250 -9.18 14.79 -28.48
N GLN B 251 -10.01 14.25 -27.58
CA GLN B 251 -10.35 14.95 -26.35
C GLN B 251 -9.51 14.43 -25.18
N TYR B 252 -9.15 13.15 -25.24
CA TYR B 252 -8.34 12.54 -24.18
C TYR B 252 -7.10 11.85 -24.74
N PRO B 253 -6.15 12.64 -25.27
CA PRO B 253 -4.95 12.08 -25.90
C PRO B 253 -4.04 11.40 -24.88
N SER B 254 -4.12 11.86 -23.64
CA SER B 254 -3.24 11.36 -22.57
C SER B 254 -3.57 9.93 -22.18
N TYR B 255 -4.74 9.44 -22.60
CA TYR B 255 -5.16 8.08 -22.28
C TYR B 255 -4.23 7.05 -22.89
N SER B 256 -3.60 7.40 -24.00
CA SER B 256 -2.66 6.51 -24.67
C SER B 256 -1.42 6.25 -23.82
N GLN B 257 -1.19 7.11 -22.84
CA GLN B 257 -0.05 6.97 -21.94
C GLN B 257 -0.33 5.94 -20.85
N ALA B 258 -1.61 5.63 -20.64
CA ALA B 258 -1.98 4.54 -19.75
C ALA B 258 -1.76 3.23 -20.49
N GLN B 259 -1.83 2.12 -19.77
CA GLN B 259 -1.63 0.81 -20.37
C GLN B 259 -2.68 -0.18 -19.91
N ALA B 260 -3.53 -0.61 -20.84
CA ALA B 260 -4.63 -1.51 -20.53
C ALA B 260 -4.16 -2.97 -20.46
N LEU B 261 -4.69 -3.69 -19.47
CA LEU B 261 -4.47 -5.13 -19.37
C LEU B 261 -5.70 -5.87 -19.87
N HIS B 262 -5.48 -6.88 -20.70
CA HIS B 262 -6.58 -7.67 -21.24
C HIS B 262 -6.47 -9.12 -20.80
N CYS B 263 -7.42 -9.57 -20.00
CA CYS B 263 -7.48 -10.97 -19.61
C CYS B 263 -8.85 -11.55 -19.93
N THR B 264 -8.88 -12.85 -20.18
CA THR B 264 -10.14 -13.56 -20.42
C THR B 264 -10.36 -14.57 -19.31
N VAL B 265 -11.55 -14.54 -18.70
CA VAL B 265 -11.88 -15.47 -17.64
C VAL B 265 -12.90 -16.49 -18.15
N ARG B 266 -12.46 -17.74 -18.26
CA ARG B 266 -13.29 -18.81 -18.80
C ARG B 266 -13.95 -19.61 -17.68
N ALA B 267 -14.73 -20.63 -18.05
CA ALA B 267 -15.48 -21.41 -17.09
C ALA B 267 -14.58 -22.13 -16.08
N GLY B 268 -14.91 -22.01 -14.80
CA GLY B 268 -14.14 -22.64 -13.75
C GLY B 268 -12.95 -21.81 -13.30
N GLU B 269 -12.80 -20.64 -13.90
CA GLU B 269 -11.68 -19.77 -13.57
C GLU B 269 -12.12 -18.59 -12.71
N MET B 270 -11.25 -18.17 -11.80
CA MET B 270 -11.55 -17.09 -10.87
C MET B 270 -10.56 -15.93 -11.03
N LEU B 271 -11.07 -14.78 -11.40
CA LEU B 271 -10.24 -13.57 -11.51
C LEU B 271 -10.30 -12.77 -10.22
N TYR B 272 -9.14 -12.52 -9.61
CA TYR B 272 -9.06 -11.62 -8.48
C TYR B 272 -8.95 -10.18 -8.98
N LEU B 273 -10.03 -9.43 -8.83
CA LEU B 273 -10.10 -8.04 -9.28
C LEU B 273 -9.91 -7.11 -8.09
N PRO B 274 -8.69 -6.59 -7.91
CA PRO B 274 -8.31 -5.82 -6.72
C PRO B 274 -9.08 -4.52 -6.59
N ALA B 275 -9.20 -4.03 -5.35
CA ALA B 275 -9.93 -2.80 -5.08
C ALA B 275 -9.34 -1.61 -5.83
N LEU B 276 -10.22 -0.71 -6.26
CA LEU B 276 -9.85 0.52 -6.95
C LEU B 276 -9.23 0.31 -8.33
N TRP B 277 -9.25 -0.93 -8.80
CA TRP B 277 -8.82 -1.22 -10.16
C TRP B 277 -9.94 -0.88 -11.13
N PHE B 278 -9.62 -0.11 -12.16
CA PHE B 278 -10.61 0.26 -13.16
C PHE B 278 -10.88 -0.93 -14.08
N HIS B 279 -12.14 -1.34 -14.21
CA HIS B 279 -12.46 -2.45 -15.09
C HIS B 279 -13.60 -2.18 -16.06
N HIS B 280 -13.53 -2.88 -17.19
CA HIS B 280 -14.49 -2.78 -18.27
C HIS B 280 -14.77 -4.20 -18.76
N VAL B 281 -16.03 -4.62 -18.73
CA VAL B 281 -16.36 -6.03 -18.91
C VAL B 281 -17.22 -6.36 -20.13
N GLN B 282 -16.73 -7.27 -20.96
CA GLN B 282 -17.53 -7.84 -22.05
C GLN B 282 -17.83 -9.30 -21.73
N GLN B 283 -18.84 -9.85 -22.40
CA GLN B 283 -19.28 -11.20 -22.09
C GLN B 283 -19.77 -11.96 -23.32
N SER B 284 -19.63 -13.28 -23.28
CA SER B 284 -20.22 -14.15 -24.29
C SER B 284 -21.72 -14.22 -24.02
N HIS B 285 -22.49 -14.64 -25.03
CA HIS B 285 -23.94 -14.67 -24.89
C HIS B 285 -24.40 -15.68 -23.86
N GLY B 286 -25.30 -15.25 -22.98
CA GLY B 286 -25.86 -16.11 -21.96
C GLY B 286 -24.83 -16.51 -20.92
N CYS B 287 -23.80 -15.70 -20.76
CA CYS B 287 -22.74 -16.01 -19.82
C CYS B 287 -23.24 -15.97 -18.37
N ILE B 288 -22.89 -17.01 -17.62
CA ILE B 288 -23.27 -17.12 -16.22
C ILE B 288 -22.04 -16.94 -15.32
N ALA B 289 -22.18 -16.17 -14.25
CA ALA B 289 -21.06 -15.87 -13.37
C ALA B 289 -21.50 -15.49 -11.96
N VAL B 290 -20.64 -15.76 -10.99
CA VAL B 290 -20.87 -15.38 -9.60
C VAL B 290 -19.65 -14.65 -9.07
N ASN B 291 -19.87 -13.53 -8.39
CA ASN B 291 -18.74 -12.82 -7.80
C ASN B 291 -18.91 -12.54 -6.31
N PHE B 292 -17.82 -12.71 -5.56
CA PHE B 292 -17.81 -12.43 -4.12
C PHE B 292 -17.17 -11.07 -3.87
N TRP B 293 -17.82 -10.25 -3.04
CA TRP B 293 -17.34 -8.91 -2.75
C TRP B 293 -16.94 -8.71 -1.29
N TYR B 294 -15.64 -8.58 -1.06
CA TYR B 294 -15.14 -8.28 0.28
C TYR B 294 -14.83 -6.79 0.36
N ASP B 295 -15.31 -6.12 1.39
CA ASP B 295 -15.05 -4.70 1.55
C ASP B 295 -13.55 -4.46 1.73
N MET B 296 -13.02 -3.52 0.96
CA MET B 296 -11.58 -3.24 0.99
C MET B 296 -11.17 -2.65 2.33
N GLU B 297 -9.93 -2.90 2.71
CA GLU B 297 -9.36 -2.31 3.92
C GLU B 297 -8.90 -0.90 3.56
N TYR B 298 -9.33 0.08 4.35
CA TYR B 298 -8.93 1.46 4.13
C TYR B 298 -7.63 1.82 4.87
N ASP B 299 -6.50 1.63 4.18
CA ASP B 299 -5.20 2.01 4.74
C ASP B 299 -4.50 3.03 3.84
N LEU B 300 -3.18 3.11 3.98
CA LEU B 300 -2.37 4.08 3.26
C LEU B 300 -2.72 4.33 1.80
N LYS B 301 -2.87 3.24 1.05
CA LYS B 301 -3.09 3.32 -0.40
C LYS B 301 -4.35 4.09 -0.78
N TYR B 302 -5.35 4.08 0.11
CA TYR B 302 -6.58 4.80 -0.17
C TYR B 302 -6.38 6.31 0.02
N SER B 303 -5.76 6.70 1.13
CA SER B 303 -5.45 8.09 1.38
C SER B 303 -4.57 8.62 0.25
N TYR B 304 -3.66 7.77 -0.21
CA TYR B 304 -2.79 8.06 -1.33
C TYR B 304 -3.60 8.27 -2.62
N PHE B 305 -4.50 7.34 -2.90
CA PHE B 305 -5.34 7.45 -4.09
C PHE B 305 -6.20 8.71 -4.04
N GLN B 306 -6.77 8.97 -2.87
CA GLN B 306 -7.58 10.18 -2.66
C GLN B 306 -6.81 11.43 -3.05
N LEU B 307 -5.55 11.49 -2.61
CA LEU B 307 -4.69 12.62 -2.88
C LEU B 307 -4.38 12.74 -4.37
N MET B 308 -3.99 11.64 -4.99
CA MET B 308 -3.69 11.62 -6.42
C MET B 308 -4.91 12.00 -7.25
N ASP B 309 -6.06 11.47 -6.87
CA ASP B 309 -7.32 11.77 -7.57
C ASP B 309 -7.62 13.26 -7.47
N THR B 310 -7.49 13.81 -6.26
CA THR B 310 -7.73 15.23 -6.02
C THR B 310 -6.78 16.09 -6.85
N LEU B 311 -5.50 15.71 -6.86
CA LEU B 311 -4.49 16.48 -7.59
C LEU B 311 -4.65 16.38 -9.10
N THR B 312 -5.13 15.24 -9.58
CA THR B 312 -5.35 15.05 -11.01
C THR B 312 -6.41 16.01 -11.51
N ARG B 313 -7.40 16.27 -10.65
CA ARG B 313 -8.50 17.16 -10.98
C ARG B 313 -8.09 18.63 -10.77
N ALA B 314 -7.29 18.88 -9.75
CA ALA B 314 -6.85 20.24 -9.44
C ALA B 314 -5.85 20.78 -10.47
N THR B 315 -5.01 19.90 -11.00
CA THR B 315 -4.00 20.30 -11.98
C THR B 315 -4.57 20.39 -13.39
N GLY B 316 -5.84 20.04 -13.55
CA GLY B 316 -6.48 20.03 -14.85
C GLY B 316 -5.96 18.93 -15.75
N LEU B 317 -5.53 17.82 -15.14
CA LEU B 317 -5.00 16.68 -15.88
C LEU B 317 -6.14 15.83 -16.46
N ASP B 318 -7.06 15.42 -15.60
CA ASP B 318 -8.25 14.66 -15.99
C ASP B 318 -9.40 14.88 -15.00
NI NI C . 17.42 2.91 10.99
C1 AKG D . 17.57 0.82 13.02
O1 AKG D . 16.57 0.19 13.44
O2 AKG D . 18.14 0.45 11.96
C2 AKG D . 18.08 2.03 13.78
O5 AKG D . 17.78 3.16 13.44
C3 AKG D . 18.97 1.86 15.00
C4 AKG D . 19.38 3.24 15.48
C5 AKG D . 19.89 3.15 16.89
O3 AKG D . 19.52 2.19 17.63
O4 AKG D . 20.68 4.01 17.34
NI NI E . -17.68 -3.60 -10.74
C1 AKG F . -17.90 -6.71 -10.81
O1 AKG F . -18.46 -7.74 -10.34
O2 AKG F . -17.11 -6.06 -10.10
C2 AKG F . -18.18 -6.29 -12.24
O5 AKG F . -17.94 -5.15 -12.60
C3 AKG F . -18.75 -7.25 -13.25
C4 AKG F . -19.41 -6.46 -14.34
C5 AKG F . -19.85 -7.40 -15.45
O3 AKG F . -20.44 -6.93 -16.46
O4 AKG F . -19.62 -8.63 -15.36
#